data_2CB3
#
_entry.id   2CB3
#
_cell.length_a   217.530
_cell.length_b   217.530
_cell.length_c   217.530
_cell.angle_alpha   90.00
_cell.angle_beta   90.00
_cell.angle_gamma   90.00
#
_symmetry.space_group_name_H-M   'I 2 3'
#
loop_
_entity.id
_entity.type
_entity.pdbx_description
1 polymer 'PEPTIDOGLYCAN-RECOGNITION PROTEIN-LE'
2 non-polymer GLYCEROL
3 non-polymer GLCNAC(BETA1-4)-MURNAC(1,6-ANHYDRO)-L-ALA-GAMMA-D-GLU-MESO-A2PM-D-ALA
4 water water
#
_entity_poly.entity_id   1
_entity_poly.type   'polypeptide(L)'
_entity_poly.pdbx_seq_one_letter_code
;GHELSAIIPRSSWLAQKPMDEPLPLQLPVKYVVILHTATESSEKRAINVRLIRDMQSFHIESRGWNDIAYNFLVGCDGNI
YEGRGWKTVGAHTLGYNRISLGISFIGCFMKELPTADALNMCRNLLARGVEDGHISTDYRLICHCQCNSTESPGRRLYEE
IQTWPHFYNIEEEEQ
;
_entity_poly.pdbx_strand_id   A,B,C,D
#
# COMPACT_ATOMS: atom_id res chain seq x y z
N LEU A 4 16.01 26.29 -9.78
CA LEU A 4 14.62 25.82 -9.54
C LEU A 4 13.93 25.32 -10.80
N SER A 5 14.45 25.71 -11.96
CA SER A 5 13.85 25.25 -13.22
C SER A 5 14.28 23.83 -13.53
N ALA A 6 15.36 23.41 -12.89
CA ALA A 6 15.88 22.08 -13.09
C ALA A 6 14.98 21.06 -12.40
N ILE A 7 14.07 21.53 -11.56
CA ILE A 7 13.16 20.66 -10.82
C ILE A 7 12.00 20.17 -11.70
N ILE A 8 11.85 18.86 -11.80
CA ILE A 8 10.78 18.27 -12.60
C ILE A 8 9.47 18.42 -11.84
N PRO A 9 8.51 19.16 -12.42
CA PRO A 9 7.21 19.42 -11.79
C PRO A 9 6.27 18.21 -11.74
N ARG A 10 5.30 18.29 -10.85
CA ARG A 10 4.32 17.22 -10.65
C ARG A 10 3.66 16.80 -11.97
N SER A 11 3.32 17.77 -12.81
CA SER A 11 2.67 17.47 -14.08
C SER A 11 3.52 16.58 -14.96
N SER A 12 4.84 16.59 -14.75
CA SER A 12 5.69 15.74 -15.58
C SER A 12 5.63 14.27 -15.19
N TRP A 13 5.16 13.98 -13.98
CA TRP A 13 5.00 12.59 -13.62
C TRP A 13 3.51 12.26 -13.47
N LEU A 14 2.70 12.99 -14.23
CA LEU A 14 1.25 12.83 -14.28
C LEU A 14 0.52 12.77 -12.93
N ALA A 15 0.99 13.57 -11.98
CA ALA A 15 0.39 13.62 -10.66
C ALA A 15 -1.08 13.96 -10.71
N GLN A 16 -1.78 13.40 -9.74
CA GLN A 16 -3.20 13.58 -9.54
C GLN A 16 -3.25 14.75 -8.56
N LYS A 17 -4.33 15.51 -8.57
CA LYS A 17 -4.43 16.62 -7.62
C LYS A 17 -4.81 16.07 -6.23
N PRO A 18 -4.25 16.66 -5.16
CA PRO A 18 -4.56 16.20 -3.80
C PRO A 18 -6.06 16.06 -3.58
N MET A 19 -6.43 15.10 -2.73
CA MET A 19 -7.83 14.84 -2.43
C MET A 19 -8.51 16.03 -1.75
N ASP A 20 -7.84 16.57 -0.74
CA ASP A 20 -8.35 17.72 0.01
C ASP A 20 -7.33 18.86 -0.06
N GLU A 21 -7.76 20.06 0.32
CA GLU A 21 -6.89 21.23 0.33
C GLU A 21 -5.61 20.99 1.12
N PRO A 22 -4.45 21.09 0.46
CA PRO A 22 -3.20 20.87 1.19
C PRO A 22 -2.99 21.94 2.26
N LEU A 23 -2.14 21.64 3.22
CA LEU A 23 -1.87 22.57 4.31
C LEU A 23 -0.60 23.38 4.06
N PRO A 24 -0.70 24.71 4.16
CA PRO A 24 0.46 25.56 3.94
C PRO A 24 1.52 25.37 5.02
N LEU A 25 2.77 25.24 4.58
CA LEU A 25 3.90 25.07 5.47
C LEU A 25 4.50 26.43 5.79
N GLN A 26 4.67 26.73 7.08
CA GLN A 26 5.24 28.01 7.47
C GLN A 26 6.73 28.02 7.13
N LEU A 27 7.12 28.94 6.26
CA LEU A 27 8.50 29.09 5.82
C LEU A 27 9.19 30.25 6.52
N PRO A 28 10.53 30.21 6.62
CA PRO A 28 11.44 29.17 6.14
C PRO A 28 11.48 27.99 7.11
N VAL A 29 11.71 26.78 6.61
CA VAL A 29 11.75 25.61 7.50
C VAL A 29 13.05 25.56 8.30
N LYS A 30 12.96 25.06 9.53
CA LYS A 30 14.11 24.95 10.40
C LYS A 30 14.83 23.62 10.18
N TYR A 31 14.07 22.61 9.76
CA TYR A 31 14.64 21.29 9.53
C TYR A 31 14.45 20.75 8.12
N VAL A 32 15.34 19.84 7.74
CA VAL A 32 15.28 19.18 6.46
C VAL A 32 15.50 17.69 6.75
N VAL A 33 14.47 16.88 6.49
CA VAL A 33 14.59 15.45 6.74
C VAL A 33 14.95 14.67 5.50
N ILE A 34 15.95 13.79 5.61
CA ILE A 34 16.32 12.97 4.49
C ILE A 34 15.73 11.58 4.68
N LEU A 35 15.05 11.09 3.64
CA LEU A 35 14.45 9.76 3.67
C LEU A 35 14.78 9.03 2.38
N HIS A 36 14.29 7.80 2.26
CA HIS A 36 14.46 7.05 1.02
C HIS A 36 13.10 6.40 0.81
N THR A 37 12.84 5.87 -0.37
CA THR A 37 11.54 5.28 -0.64
C THR A 37 11.43 3.79 -0.38
N ALA A 38 12.56 3.13 -0.21
CA ALA A 38 12.57 1.69 0.04
C ALA A 38 11.97 0.97 -1.17
N THR A 39 12.25 1.50 -2.35
CA THR A 39 11.78 0.93 -3.61
C THR A 39 13.05 0.68 -4.42
N GLU A 40 12.88 0.26 -5.67
CA GLU A 40 14.02 0.06 -6.52
C GLU A 40 14.50 1.47 -6.89
N SER A 41 15.73 1.57 -7.38
CA SER A 41 16.26 2.86 -7.80
C SER A 41 16.50 2.75 -9.30
N SER A 42 16.62 3.87 -9.99
CA SER A 42 16.84 3.83 -11.44
C SER A 42 17.55 5.07 -11.94
N GLU A 43 18.35 4.89 -13.00
CA GLU A 43 19.08 5.99 -13.59
C GLU A 43 18.35 6.50 -14.82
N LYS A 44 17.19 5.91 -15.09
CA LYS A 44 16.36 6.30 -16.23
C LYS A 44 15.18 7.11 -15.74
N ARG A 45 15.00 8.30 -16.30
CA ARG A 45 13.92 9.17 -15.89
C ARG A 45 12.54 8.53 -16.03
N ALA A 46 12.33 7.77 -17.11
CA ALA A 46 11.03 7.14 -17.33
C ALA A 46 10.65 6.20 -16.19
N ILE A 47 11.65 5.49 -15.66
CA ILE A 47 11.42 4.56 -14.57
C ILE A 47 11.14 5.31 -13.27
N ASN A 48 11.93 6.34 -12.99
CA ASN A 48 11.69 7.11 -11.78
C ASN A 48 10.28 7.70 -11.80
N VAL A 49 9.88 8.20 -12.97
CA VAL A 49 8.54 8.79 -13.11
C VAL A 49 7.46 7.75 -12.82
N ARG A 50 7.69 6.51 -13.25
CA ARG A 50 6.73 5.44 -13.00
C ARG A 50 6.65 5.19 -11.50
N LEU A 51 7.80 5.13 -10.84
CA LEU A 51 7.89 4.89 -9.40
C LEU A 51 7.19 5.99 -8.60
N ILE A 52 7.41 7.23 -8.99
CA ILE A 52 6.79 8.34 -8.28
C ILE A 52 5.27 8.33 -8.43
N ARG A 53 4.78 8.10 -9.63
CA ARG A 53 3.33 8.10 -9.83
C ARG A 53 2.69 6.91 -9.09
N ASP A 54 3.35 5.76 -9.09
CA ASP A 54 2.80 4.61 -8.38
C ASP A 54 2.88 4.89 -6.87
N MET A 55 3.90 5.63 -6.44
CA MET A 55 4.00 5.95 -5.02
C MET A 55 2.91 6.92 -4.59
N GLN A 56 2.52 7.85 -5.47
CA GLN A 56 1.45 8.77 -5.09
C GLN A 56 0.19 7.96 -4.84
N SER A 57 -0.07 6.96 -5.68
CA SER A 57 -1.24 6.12 -5.51
C SER A 57 -1.15 5.27 -4.25
N PHE A 58 0.05 4.77 -3.99
CA PHE A 58 0.29 3.94 -2.82
C PHE A 58 -0.07 4.79 -1.60
N HIS A 59 0.45 6.02 -1.55
CA HIS A 59 0.20 6.91 -0.44
C HIS A 59 -1.24 7.38 -0.33
N ILE A 60 -1.91 7.62 -1.45
CA ILE A 60 -3.29 8.07 -1.39
C ILE A 60 -4.27 6.93 -1.18
N GLU A 61 -4.13 5.88 -1.98
CA GLU A 61 -5.04 4.74 -1.91
C GLU A 61 -4.66 3.58 -1.00
N SER A 62 -3.36 3.30 -0.87
CA SER A 62 -2.94 2.21 -0.01
C SER A 62 -2.76 2.68 1.44
N ARG A 63 -2.40 3.95 1.61
CA ARG A 63 -2.19 4.50 2.95
C ARG A 63 -3.30 5.42 3.41
N GLY A 64 -4.13 5.91 2.49
CA GLY A 64 -5.21 6.79 2.88
C GLY A 64 -4.77 8.22 3.13
N TRP A 65 -3.62 8.62 2.60
CA TRP A 65 -3.16 9.98 2.78
C TRP A 65 -3.67 10.92 1.70
N ASN A 66 -3.29 12.19 1.78
CA ASN A 66 -3.78 13.19 0.84
C ASN A 66 -3.02 13.31 -0.47
N ASP A 67 -1.75 12.92 -0.47
CA ASP A 67 -0.95 13.06 -1.68
C ASP A 67 0.37 12.34 -1.43
N ILE A 68 1.26 12.32 -2.41
CA ILE A 68 2.54 11.69 -2.18
C ILE A 68 3.10 12.35 -0.93
N ALA A 69 3.72 11.56 -0.06
CA ALA A 69 4.23 12.04 1.22
C ALA A 69 5.36 13.06 1.27
N TYR A 70 6.28 13.00 0.32
CA TYR A 70 7.44 13.89 0.32
C TYR A 70 7.28 15.24 -0.36
N ASN A 71 8.14 16.18 0.03
CA ASN A 71 8.14 17.50 -0.57
C ASN A 71 8.89 17.41 -1.89
N PHE A 72 9.95 16.59 -1.91
CA PHE A 72 10.77 16.38 -3.10
C PHE A 72 11.36 14.97 -3.13
N LEU A 73 11.66 14.48 -4.31
CA LEU A 73 12.28 13.17 -4.46
C LEU A 73 13.53 13.33 -5.32
N VAL A 74 14.54 12.51 -5.05
CA VAL A 74 15.78 12.57 -5.80
C VAL A 74 16.00 11.21 -6.47
N GLY A 75 16.10 11.20 -7.79
CA GLY A 75 16.32 9.96 -8.51
C GLY A 75 17.78 9.70 -8.78
N CYS A 76 18.14 8.45 -9.03
CA CYS A 76 19.54 8.13 -9.31
C CYS A 76 19.91 8.54 -10.73
N ASP A 77 19.00 9.27 -11.38
CA ASP A 77 19.25 9.77 -12.72
C ASP A 77 19.77 11.20 -12.55
N GLY A 78 19.90 11.63 -11.30
CA GLY A 78 20.41 12.95 -11.00
C GLY A 78 19.34 14.04 -11.00
N ASN A 79 18.08 13.65 -11.08
CA ASN A 79 16.99 14.61 -11.10
C ASN A 79 16.27 14.81 -9.78
N ILE A 80 15.77 16.03 -9.59
CA ILE A 80 14.99 16.39 -8.42
C ILE A 80 13.56 16.42 -8.94
N TYR A 81 12.64 15.77 -8.23
CA TYR A 81 11.24 15.75 -8.65
C TYR A 81 10.39 16.42 -7.62
N GLU A 82 9.44 17.23 -8.07
CA GLU A 82 8.57 17.92 -7.14
C GLU A 82 7.55 16.96 -6.54
N GLY A 83 7.42 17.00 -5.22
CA GLY A 83 6.46 16.15 -4.54
C GLY A 83 5.34 17.10 -4.17
N ARG A 84 5.23 17.44 -2.89
CA ARG A 84 4.20 18.37 -2.45
C ARG A 84 4.70 19.79 -2.65
N GLY A 85 6.02 19.93 -2.83
CA GLY A 85 6.59 21.24 -3.05
C GLY A 85 7.18 21.99 -1.86
N TRP A 86 7.64 23.21 -2.13
CA TRP A 86 8.27 24.08 -1.13
C TRP A 86 7.39 24.59 -0.01
N LYS A 87 6.10 24.80 -0.30
CA LYS A 87 5.18 25.40 0.67
C LYS A 87 4.08 24.53 1.25
N THR A 88 4.21 23.21 1.16
CA THR A 88 3.17 22.33 1.66
C THR A 88 3.62 21.34 2.72
N VAL A 89 2.83 21.22 3.77
CA VAL A 89 3.12 20.30 4.87
C VAL A 89 3.04 18.86 4.34
N GLY A 90 4.11 18.11 4.55
CA GLY A 90 4.15 16.74 4.08
C GLY A 90 3.55 15.72 5.04
N ALA A 91 3.75 14.45 4.71
CA ALA A 91 3.26 13.33 5.52
C ALA A 91 4.36 12.29 5.52
N HIS A 92 5.59 12.75 5.73
CA HIS A 92 6.75 11.87 5.69
C HIS A 92 7.43 11.56 7.04
N THR A 93 7.33 12.46 8.01
CA THR A 93 7.99 12.26 9.28
C THR A 93 7.14 12.73 10.45
N LEU A 94 6.51 11.80 11.15
CA LEU A 94 5.66 12.17 12.29
C LEU A 94 6.43 13.01 13.29
N GLY A 95 5.87 14.16 13.65
CA GLY A 95 6.51 15.04 14.60
C GLY A 95 7.39 16.09 13.96
N TYR A 96 7.51 16.06 12.63
CA TYR A 96 8.34 17.03 11.93
C TYR A 96 7.73 17.58 10.65
N ASN A 97 6.58 17.06 10.24
CA ASN A 97 5.95 17.50 9.01
C ASN A 97 5.66 19.00 8.92
N ARG A 98 5.25 19.61 10.04
CA ARG A 98 4.94 21.04 10.04
C ARG A 98 6.14 21.94 10.19
N ILE A 99 7.33 21.38 10.38
CA ILE A 99 8.50 22.22 10.56
C ILE A 99 9.70 21.79 9.73
N SER A 100 9.45 21.20 8.58
CA SER A 100 10.54 20.75 7.74
C SER A 100 10.10 20.46 6.33
N LEU A 101 11.08 20.11 5.51
CA LEU A 101 10.86 19.72 4.12
C LEU A 101 11.35 18.28 4.08
N GLY A 102 10.54 17.40 3.50
CA GLY A 102 10.91 16.00 3.42
C GLY A 102 11.46 15.69 2.04
N ILE A 103 12.74 15.33 1.99
CA ILE A 103 13.41 14.99 0.74
C ILE A 103 13.75 13.50 0.76
N SER A 104 13.19 12.76 -0.19
CA SER A 104 13.42 11.33 -0.24
C SER A 104 14.19 10.86 -1.48
N PHE A 105 15.18 10.01 -1.29
CA PHE A 105 15.96 9.46 -2.40
C PHE A 105 15.23 8.21 -2.90
N ILE A 106 14.95 8.17 -4.21
CA ILE A 106 14.24 7.04 -4.77
C ILE A 106 15.15 5.80 -4.84
N GLY A 107 14.85 4.84 -3.98
CA GLY A 107 15.62 3.60 -3.91
C GLY A 107 15.66 3.07 -2.49
N CYS A 108 16.55 2.13 -2.24
CA CYS A 108 16.71 1.54 -0.91
C CYS A 108 18.20 1.55 -0.63
N PHE A 109 18.63 2.40 0.28
CA PHE A 109 20.06 2.54 0.51
C PHE A 109 20.61 2.04 1.84
N MET A 110 20.24 0.82 2.18
CA MET A 110 20.69 0.17 3.40
C MET A 110 22.17 -0.19 3.31
N LYS A 111 22.60 -0.62 2.12
CA LYS A 111 24.00 -1.00 1.89
C LYS A 111 24.68 -0.15 0.82
N GLU A 112 23.95 0.18 -0.23
CA GLU A 112 24.50 0.99 -1.32
C GLU A 112 24.16 2.47 -1.09
N LEU A 113 24.82 3.31 -1.86
CA LEU A 113 24.64 4.77 -1.77
C LEU A 113 24.05 5.26 -3.09
N PRO A 114 23.29 6.36 -3.07
CA PRO A 114 22.72 6.88 -4.32
C PRO A 114 23.87 7.31 -5.22
N THR A 115 23.61 7.60 -6.49
CA THR A 115 24.69 8.01 -7.39
C THR A 115 25.26 9.36 -6.94
N ALA A 116 26.51 9.62 -7.34
CA ALA A 116 27.17 10.87 -6.99
C ALA A 116 26.33 12.05 -7.45
N ASP A 117 25.78 11.95 -8.67
CA ASP A 117 24.95 13.02 -9.20
C ASP A 117 23.70 13.23 -8.37
N ALA A 118 23.11 12.15 -7.88
CA ALA A 118 21.92 12.27 -7.05
C ALA A 118 22.30 12.97 -5.75
N LEU A 119 23.42 12.55 -5.16
CA LEU A 119 23.87 13.16 -3.91
C LEU A 119 24.18 14.64 -4.10
N ASN A 120 24.87 14.98 -5.19
CA ASN A 120 25.20 16.38 -5.45
C ASN A 120 23.96 17.24 -5.73
N MET A 121 23.02 16.72 -6.53
CA MET A 121 21.82 17.48 -6.83
C MET A 121 21.01 17.76 -5.56
N CYS A 122 21.07 16.83 -4.61
CA CYS A 122 20.35 17.00 -3.36
C CYS A 122 20.96 18.17 -2.59
N ARG A 123 22.28 18.27 -2.64
CA ARG A 123 22.98 19.35 -1.95
C ARG A 123 22.63 20.66 -2.65
N ASN A 124 22.55 20.63 -3.98
CA ASN A 124 22.19 21.84 -4.72
C ASN A 124 20.76 22.25 -4.34
N LEU A 125 19.90 21.26 -4.12
CA LEU A 125 18.52 21.55 -3.76
C LEU A 125 18.46 22.27 -2.41
N LEU A 126 19.34 21.87 -1.51
CA LEU A 126 19.37 22.49 -0.19
C LEU A 126 19.88 23.92 -0.30
N ALA A 127 20.96 24.11 -1.04
CA ALA A 127 21.51 25.45 -1.22
C ALA A 127 20.43 26.33 -1.89
N ARG A 128 19.76 25.77 -2.88
CA ARG A 128 18.71 26.47 -3.60
C ARG A 128 17.64 26.97 -2.62
N GLY A 129 17.21 26.09 -1.73
CA GLY A 129 16.20 26.47 -0.75
C GLY A 129 16.65 27.55 0.21
N VAL A 130 17.90 27.47 0.66
CA VAL A 130 18.42 28.47 1.58
C VAL A 130 18.52 29.81 0.85
N GLU A 131 19.08 29.76 -0.35
CA GLU A 131 19.27 30.91 -1.20
C GLU A 131 17.96 31.62 -1.57
N ASP A 132 16.89 30.85 -1.76
CA ASP A 132 15.60 31.42 -2.11
C ASP A 132 14.76 31.75 -0.89
N GLY A 133 15.26 31.39 0.28
CA GLY A 133 14.54 31.69 1.51
C GLY A 133 13.49 30.70 2.00
N HIS A 134 13.49 29.48 1.47
CA HIS A 134 12.52 28.48 1.91
C HIS A 134 13.08 27.70 3.10
N ILE A 135 14.41 27.56 3.12
CA ILE A 135 15.08 26.85 4.19
C ILE A 135 15.90 27.83 5.04
N SER A 136 15.81 27.66 6.36
CA SER A 136 16.53 28.53 7.29
C SER A 136 18.05 28.52 7.03
N THR A 137 18.69 29.67 7.22
CA THR A 137 20.13 29.79 7.02
C THR A 137 20.91 28.86 7.94
N ASP A 138 20.38 28.63 9.14
CA ASP A 138 21.01 27.75 10.10
C ASP A 138 20.14 26.50 10.28
N TYR A 139 19.69 25.95 9.16
CA TYR A 139 18.84 24.77 9.20
C TYR A 139 19.56 23.52 9.70
N ARG A 140 18.78 22.63 10.30
CA ARG A 140 19.28 21.37 10.82
C ARG A 140 18.89 20.25 9.86
N LEU A 141 19.90 19.56 9.32
CA LEU A 141 19.69 18.44 8.40
C LEU A 141 19.64 17.15 9.20
N ILE A 142 18.52 16.43 9.14
CA ILE A 142 18.39 15.17 9.89
C ILE A 142 17.84 14.04 9.04
N CYS A 143 18.00 12.81 9.52
CA CYS A 143 17.52 11.64 8.81
C CYS A 143 16.27 11.05 9.46
N HIS A 144 15.48 10.38 8.65
CA HIS A 144 14.24 9.76 9.07
C HIS A 144 14.42 8.89 10.34
N CYS A 145 15.42 8.01 10.32
CA CYS A 145 15.68 7.11 11.43
C CYS A 145 15.98 7.79 12.78
N GLN A 146 16.32 9.07 12.74
CA GLN A 146 16.63 9.81 13.96
C GLN A 146 15.34 10.31 14.60
N CYS A 147 14.25 10.26 13.83
CA CYS A 147 12.98 10.77 14.32
C CYS A 147 11.99 9.69 14.69
N ASN A 148 12.02 8.59 13.96
CA ASN A 148 11.12 7.48 14.22
C ASN A 148 11.88 6.19 13.98
N SER A 149 11.33 5.10 14.49
CA SER A 149 11.97 3.81 14.32
C SER A 149 11.79 3.36 12.89
N THR A 150 12.89 3.30 12.14
CA THR A 150 12.83 2.88 10.74
C THR A 150 14.23 2.83 10.14
N GLU A 151 14.41 2.01 9.12
CA GLU A 151 15.69 1.89 8.45
C GLU A 151 15.98 3.11 7.59
N SER A 152 14.91 3.76 7.10
CA SER A 152 15.02 4.93 6.25
C SER A 152 15.93 5.98 6.90
N PRO A 153 16.78 6.65 6.11
CA PRO A 153 16.95 6.53 4.65
C PRO A 153 17.91 5.43 4.22
N GLY A 154 18.09 4.43 5.08
CA GLY A 154 19.02 3.36 4.75
C GLY A 154 20.29 3.63 5.52
N ARG A 155 20.81 2.60 6.19
CA ARG A 155 22.01 2.73 6.99
C ARG A 155 23.18 3.42 6.29
N ARG A 156 23.55 2.93 5.10
CA ARG A 156 24.66 3.49 4.35
C ARG A 156 24.47 4.98 4.00
N LEU A 157 23.27 5.36 3.57
CA LEU A 157 22.99 6.74 3.22
C LEU A 157 23.03 7.62 4.47
N TYR A 158 22.59 7.06 5.59
CA TYR A 158 22.58 7.75 6.87
C TYR A 158 24.02 8.12 7.25
N GLU A 159 24.94 7.21 7.00
CA GLU A 159 26.35 7.44 7.30
C GLU A 159 26.90 8.58 6.44
N GLU A 160 26.42 8.65 5.20
CA GLU A 160 26.86 9.70 4.28
C GLU A 160 26.35 11.05 4.74
N ILE A 161 25.06 11.13 5.04
CA ILE A 161 24.44 12.36 5.48
C ILE A 161 25.02 12.98 6.75
N GLN A 162 25.44 12.15 7.70
CA GLN A 162 26.01 12.72 8.91
C GLN A 162 27.36 13.40 8.68
N THR A 163 27.85 13.37 7.44
CA THR A 163 29.13 14.02 7.12
C THR A 163 28.87 15.31 6.34
N TRP A 164 27.60 15.68 6.22
CA TRP A 164 27.22 16.89 5.49
C TRP A 164 27.08 18.09 6.41
N PRO A 165 27.42 19.28 5.91
CA PRO A 165 27.27 20.45 6.79
C PRO A 165 25.81 20.57 7.20
N HIS A 166 25.56 21.13 8.39
CA HIS A 166 24.21 21.30 8.92
C HIS A 166 23.64 20.04 9.54
N PHE A 167 24.37 18.92 9.46
CA PHE A 167 23.87 17.69 10.06
C PHE A 167 23.66 17.94 11.56
N TYR A 168 22.46 17.61 12.04
CA TYR A 168 22.12 17.82 13.44
C TYR A 168 21.94 16.47 14.15
N ASN A 169 22.73 16.26 15.20
CA ASN A 169 22.67 15.01 15.96
C ASN A 169 21.67 15.18 17.09
N ILE A 170 20.42 14.77 16.86
CA ILE A 170 19.37 14.91 17.86
C ILE A 170 19.70 14.26 19.20
N GLU A 171 20.44 13.14 19.17
CA GLU A 171 20.80 12.44 20.40
C GLU A 171 21.87 13.09 21.25
N GLU A 172 22.99 13.47 20.62
CA GLU A 172 24.09 14.09 21.36
C GLU A 172 23.76 15.52 21.76
N GLU A 173 22.50 15.90 21.61
CA GLU A 173 22.05 17.24 21.94
C GLU A 173 20.60 17.26 22.40
N GLU A 174 19.74 16.72 21.68
N SER B 5 1.58 -12.06 -18.68
CA SER B 5 1.60 -10.57 -18.64
C SER B 5 0.56 -10.05 -17.64
N ALA B 6 -0.38 -10.91 -17.27
CA ALA B 6 -1.42 -10.54 -16.32
C ALA B 6 -0.81 -10.52 -14.92
N ILE B 7 0.38 -11.08 -14.77
CA ILE B 7 1.02 -11.10 -13.47
C ILE B 7 1.52 -9.71 -13.10
N ILE B 8 1.08 -9.22 -11.96
CA ILE B 8 1.48 -7.89 -11.48
C ILE B 8 2.90 -8.01 -10.95
N PRO B 9 3.84 -7.25 -11.55
CA PRO B 9 5.25 -7.24 -11.17
C PRO B 9 5.56 -6.59 -9.83
N ARG B 10 6.71 -6.97 -9.27
CA ARG B 10 7.19 -6.46 -8.00
C ARG B 10 7.18 -4.94 -7.96
N SER B 11 7.61 -4.32 -9.06
CA SER B 11 7.66 -2.86 -9.15
C SER B 11 6.29 -2.24 -8.90
N SER B 12 5.23 -2.95 -9.26
CA SER B 12 3.89 -2.43 -9.04
C SER B 12 3.48 -2.39 -7.58
N TRP B 13 4.14 -3.17 -6.73
CA TRP B 13 3.81 -3.07 -5.32
C TRP B 13 4.99 -2.43 -4.57
N LEU B 14 5.79 -1.69 -5.33
CA LEU B 14 6.94 -0.96 -4.83
C LEU B 14 7.95 -1.75 -4.00
N ALA B 15 8.20 -2.98 -4.42
CA ALA B 15 9.13 -3.85 -3.71
C ALA B 15 10.54 -3.28 -3.67
N GLN B 16 11.30 -3.66 -2.65
CA GLN B 16 12.68 -3.23 -2.55
C GLN B 16 13.50 -4.42 -3.04
N LYS B 17 14.72 -4.17 -3.48
CA LYS B 17 15.59 -5.25 -3.95
C LYS B 17 15.99 -6.13 -2.78
N PRO B 18 16.10 -7.44 -3.00
CA PRO B 18 16.49 -8.36 -1.92
C PRO B 18 17.79 -7.85 -1.31
N MET B 19 18.00 -8.13 -0.03
CA MET B 19 19.20 -7.69 0.67
C MET B 19 20.47 -8.31 0.06
N ASP B 20 20.41 -9.61 -0.18
CA ASP B 20 21.54 -10.35 -0.74
C ASP B 20 21.14 -11.02 -2.05
N GLU B 21 22.13 -11.58 -2.73
CA GLU B 21 21.90 -12.25 -4.01
C GLU B 21 20.92 -13.40 -3.86
N PRO B 22 19.78 -13.34 -4.56
CA PRO B 22 18.79 -14.41 -4.46
C PRO B 22 19.38 -15.73 -4.95
N LEU B 23 18.79 -16.83 -4.51
CA LEU B 23 19.26 -18.14 -4.90
C LEU B 23 18.43 -18.67 -6.06
N PRO B 24 19.08 -19.12 -7.14
CA PRO B 24 18.34 -19.64 -8.29
C PRO B 24 17.67 -20.97 -8.01
N LEU B 25 16.43 -21.09 -8.44
CA LEU B 25 15.63 -22.29 -8.26
C LEU B 25 15.77 -23.21 -9.48
N GLN B 26 15.99 -24.49 -9.22
CA GLN B 26 16.14 -25.47 -10.29
C GLN B 26 14.78 -25.81 -10.93
N LEU B 27 14.67 -25.53 -12.22
CA LEU B 27 13.44 -25.82 -12.96
C LEU B 27 13.63 -27.01 -13.89
N PRO B 28 12.55 -27.73 -14.21
CA PRO B 28 11.18 -27.48 -13.73
C PRO B 28 11.02 -27.98 -12.31
N VAL B 29 10.19 -27.29 -11.54
CA VAL B 29 9.96 -27.66 -10.16
C VAL B 29 8.92 -28.80 -10.09
N LYS B 30 9.10 -29.74 -9.17
CA LYS B 30 8.16 -30.85 -9.05
C LYS B 30 7.07 -30.68 -8.02
N TYR B 31 7.20 -29.69 -7.14
CA TYR B 31 6.17 -29.46 -6.13
C TYR B 31 5.62 -28.04 -6.17
N VAL B 32 4.37 -27.90 -5.78
CA VAL B 32 3.73 -26.60 -5.71
C VAL B 32 3.06 -26.55 -4.34
N VAL B 33 3.53 -25.63 -3.50
CA VAL B 33 3.00 -25.49 -2.16
C VAL B 33 1.98 -24.36 -2.07
N ILE B 34 0.80 -24.66 -1.55
CA ILE B 34 -0.22 -23.65 -1.38
C ILE B 34 -0.18 -23.19 0.08
N LEU B 35 -0.13 -21.88 0.28
CA LEU B 35 -0.10 -21.31 1.62
C LEU B 35 -1.11 -20.18 1.67
N HIS B 36 -1.20 -19.53 2.82
CA HIS B 36 -2.05 -18.36 2.94
C HIS B 36 -1.19 -17.39 3.74
N THR B 37 -1.59 -16.12 3.78
CA THR B 37 -0.81 -15.11 4.48
C THR B 37 -1.19 -14.94 5.94
N ALA B 38 -2.39 -15.39 6.30
CA ALA B 38 -2.87 -15.25 7.67
C ALA B 38 -3.03 -13.77 8.00
N THR B 39 -3.38 -12.98 6.99
CA THR B 39 -3.61 -11.55 7.13
C THR B 39 -5.04 -11.34 6.66
N GLU B 40 -5.45 -10.09 6.52
CA GLU B 40 -6.80 -9.81 6.03
C GLU B 40 -6.75 -10.06 4.53
N SER B 41 -7.92 -10.12 3.91
CA SER B 41 -8.00 -10.33 2.48
C SER B 41 -8.71 -9.11 1.91
N SER B 42 -8.59 -8.88 0.61
CA SER B 42 -9.26 -7.72 0.02
C SER B 42 -9.57 -7.90 -1.46
N GLU B 43 -10.65 -7.29 -1.91
CA GLU B 43 -11.03 -7.37 -3.33
C GLU B 43 -10.53 -6.13 -4.05
N LYS B 44 -9.81 -5.28 -3.32
CA LYS B 44 -9.27 -4.03 -3.87
C LYS B 44 -7.76 -4.14 -4.06
N ARG B 45 -7.30 -3.91 -5.29
CA ARG B 45 -5.89 -3.98 -5.62
C ARG B 45 -5.02 -3.12 -4.72
N ALA B 46 -5.45 -1.90 -4.45
CA ALA B 46 -4.67 -1.01 -3.59
C ALA B 46 -4.43 -1.59 -2.19
N ILE B 47 -5.41 -2.30 -1.64
CA ILE B 47 -5.28 -2.88 -0.32
C ILE B 47 -4.33 -4.08 -0.35
N ASN B 48 -4.42 -4.89 -1.41
CA ASN B 48 -3.54 -6.03 -1.55
C ASN B 48 -2.11 -5.56 -1.74
N VAL B 49 -1.94 -4.49 -2.50
CA VAL B 49 -0.62 -3.92 -2.72
C VAL B 49 -0.04 -3.48 -1.38
N ARG B 50 -0.88 -2.90 -0.53
CA ARG B 50 -0.43 -2.46 0.79
C ARG B 50 0.03 -3.65 1.64
N LEU B 51 -0.77 -4.71 1.65
CA LEU B 51 -0.47 -5.92 2.41
C LEU B 51 0.82 -6.57 1.94
N ILE B 52 0.98 -6.65 0.63
CA ILE B 52 2.16 -7.26 0.08
C ILE B 52 3.41 -6.46 0.39
N ARG B 53 3.33 -5.14 0.32
CA ARG B 53 4.51 -4.33 0.61
C ARG B 53 4.89 -4.43 2.07
N ASP B 54 3.89 -4.40 2.95
CA ASP B 54 4.15 -4.49 4.37
C ASP B 54 4.66 -5.88 4.74
N MET B 55 4.25 -6.90 4.00
CA MET B 55 4.72 -8.27 4.27
C MET B 55 6.18 -8.43 3.87
N GLN B 56 6.62 -7.72 2.84
CA GLN B 56 8.02 -7.81 2.45
C GLN B 56 8.86 -7.27 3.59
N SER B 57 8.39 -6.19 4.21
CA SER B 57 9.12 -5.61 5.33
C SER B 57 9.07 -6.52 6.54
N PHE B 58 7.93 -7.16 6.73
CA PHE B 58 7.75 -8.07 7.84
C PHE B 58 8.78 -9.20 7.70
N HIS B 59 8.84 -9.80 6.51
CA HIS B 59 9.76 -10.90 6.24
C HIS B 59 11.24 -10.50 6.26
N ILE B 60 11.54 -9.33 5.73
CA ILE B 60 12.93 -8.89 5.73
C ILE B 60 13.35 -8.39 7.11
N GLU B 61 12.55 -7.46 7.66
CA GLU B 61 12.90 -6.86 8.95
C GLU B 61 12.36 -7.48 10.23
N SER B 62 11.19 -8.11 10.18
CA SER B 62 10.66 -8.71 11.39
C SER B 62 11.12 -10.16 11.52
N ARG B 63 11.31 -10.82 10.38
CA ARG B 63 11.75 -12.21 10.37
C ARG B 63 13.23 -12.33 10.04
N GLY B 64 13.82 -11.26 9.51
CA GLY B 64 15.22 -11.31 9.16
C GLY B 64 15.55 -12.10 7.91
N TRP B 65 14.58 -12.22 7.00
CA TRP B 65 14.82 -12.96 5.76
C TRP B 65 15.31 -12.03 4.65
N ASN B 66 15.60 -12.61 3.48
CA ASN B 66 16.15 -11.85 2.36
C ASN B 66 15.11 -11.14 1.48
N ASP B 67 13.86 -11.57 1.55
CA ASP B 67 12.83 -10.98 0.72
C ASP B 67 11.48 -11.56 1.10
N ILE B 68 10.41 -11.09 0.47
CA ILE B 68 9.10 -11.64 0.77
C ILE B 68 9.25 -13.15 0.54
N ALA B 69 8.66 -13.93 1.43
CA ALA B 69 8.79 -15.39 1.40
C ALA B 69 8.27 -16.20 0.23
N TYR B 70 7.19 -15.75 -0.39
CA TYR B 70 6.58 -16.50 -1.49
C TYR B 70 7.06 -16.17 -2.91
N ASN B 71 6.77 -17.08 -3.84
CA ASN B 71 7.14 -16.86 -5.23
C ASN B 71 6.03 -16.02 -5.86
N PHE B 72 4.79 -16.30 -5.49
CA PHE B 72 3.63 -15.55 -5.99
C PHE B 72 2.56 -15.48 -4.91
N LEU B 73 1.67 -14.50 -5.03
CA LEU B 73 0.58 -14.34 -4.09
C LEU B 73 -0.69 -14.14 -4.90
N VAL B 74 -1.82 -14.55 -4.34
CA VAL B 74 -3.09 -14.41 -5.02
C VAL B 74 -4.05 -13.59 -4.15
N GLY B 75 -4.53 -12.49 -4.70
CA GLY B 75 -5.44 -11.63 -3.96
C GLY B 75 -6.88 -11.98 -4.27
N CYS B 76 -7.78 -11.61 -3.37
CA CYS B 76 -9.18 -11.89 -3.62
C CYS B 76 -9.75 -10.91 -4.64
N ASP B 77 -8.87 -10.10 -5.23
CA ASP B 77 -9.27 -9.15 -6.25
C ASP B 77 -9.13 -9.86 -7.59
N GLY B 78 -8.73 -11.13 -7.53
CA GLY B 78 -8.59 -11.91 -8.74
C GLY B 78 -7.21 -11.78 -9.38
N ASN B 79 -6.32 -11.02 -8.77
CA ASN B 79 -4.99 -10.83 -9.31
C ASN B 79 -3.89 -11.71 -8.72
N ILE B 80 -2.90 -12.00 -9.55
CA ILE B 80 -1.74 -12.77 -9.17
C ILE B 80 -0.61 -11.74 -9.05
N TYR B 81 0.10 -11.78 -7.92
CA TYR B 81 1.19 -10.84 -7.71
C TYR B 81 2.52 -11.55 -7.64
N GLU B 82 3.52 -10.99 -8.29
CA GLU B 82 4.85 -11.57 -8.26
C GLU B 82 5.53 -11.38 -6.92
N GLY B 83 6.05 -12.49 -6.39
CA GLY B 83 6.78 -12.45 -5.13
C GLY B 83 8.23 -12.62 -5.54
N ARG B 84 8.82 -13.76 -5.21
CA ARG B 84 10.22 -14.00 -5.59
C ARG B 84 10.27 -14.38 -7.06
N GLY B 85 9.12 -14.73 -7.63
CA GLY B 85 9.09 -15.10 -9.03
C GLY B 85 9.33 -16.56 -9.35
N TRP B 86 9.29 -16.86 -10.64
CA TRP B 86 9.46 -18.20 -11.18
C TRP B 86 10.80 -18.89 -10.95
N LYS B 87 11.88 -18.12 -10.89
CA LYS B 87 13.20 -18.72 -10.79
C LYS B 87 13.98 -18.60 -9.50
N THR B 88 13.36 -18.12 -8.45
CA THR B 88 14.09 -17.92 -7.19
C THR B 88 13.61 -18.80 -6.03
N VAL B 89 14.55 -19.29 -5.25
CA VAL B 89 14.22 -20.12 -4.10
C VAL B 89 13.48 -19.29 -3.05
N GLY B 90 12.35 -19.79 -2.59
CA GLY B 90 11.56 -19.08 -1.60
C GLY B 90 11.98 -19.33 -0.17
N ALA B 91 11.14 -18.89 0.76
CA ALA B 91 11.37 -19.04 2.20
C ALA B 91 10.01 -19.23 2.84
N HIS B 92 9.17 -20.05 2.20
CA HIS B 92 7.81 -20.28 2.64
C HIS B 92 7.55 -21.64 3.29
N THR B 93 8.32 -22.64 2.91
CA THR B 93 8.11 -23.99 3.44
C THR B 93 9.42 -24.72 3.70
N LEU B 94 9.80 -24.82 4.97
CA LEU B 94 11.03 -25.51 5.33
C LEU B 94 10.97 -26.93 4.80
N GLY B 95 12.03 -27.35 4.09
CA GLY B 95 12.07 -28.69 3.55
C GLY B 95 11.60 -28.82 2.11
N TYR B 96 11.09 -27.74 1.54
CA TYR B 96 10.61 -27.76 0.16
C TYR B 96 10.99 -26.54 -0.67
N ASN B 97 11.60 -25.54 -0.05
CA ASN B 97 11.96 -24.31 -0.76
C ASN B 97 12.78 -24.48 -2.04
N ARG B 98 13.68 -25.46 -2.05
CA ARG B 98 14.52 -25.68 -3.22
C ARG B 98 13.91 -26.57 -4.30
N ILE B 99 12.75 -27.15 -4.01
CA ILE B 99 12.12 -28.03 -4.97
C ILE B 99 10.68 -27.68 -5.25
N SER B 100 10.32 -26.42 -5.09
CA SER B 100 8.95 -26.03 -5.34
C SER B 100 8.77 -24.53 -5.49
N LEU B 101 7.55 -24.14 -5.87
CA LEU B 101 7.17 -22.75 -5.99
C LEU B 101 6.13 -22.58 -4.89
N GLY B 102 6.25 -21.49 -4.13
CA GLY B 102 5.30 -21.24 -3.06
C GLY B 102 4.28 -20.19 -3.46
N ILE B 103 3.02 -20.60 -3.50
CA ILE B 103 1.93 -19.71 -3.86
C ILE B 103 1.02 -19.49 -2.65
N SER B 104 0.92 -18.24 -2.22
CA SER B 104 0.10 -17.91 -1.05
C SER B 104 -1.09 -17.01 -1.35
N PHE B 105 -2.25 -17.39 -0.82
CA PHE B 105 -3.46 -16.62 -0.98
C PHE B 105 -3.47 -15.53 0.09
N ILE B 106 -3.72 -14.29 -0.32
CA ILE B 106 -3.75 -13.20 0.64
C ILE B 106 -5.03 -13.22 1.43
N GLY B 107 -4.89 -13.63 2.69
CA GLY B 107 -6.03 -13.73 3.57
C GLY B 107 -5.80 -14.84 4.58
N CYS B 108 -6.85 -15.17 5.32
CA CYS B 108 -6.80 -16.22 6.33
C CYS B 108 -8.01 -17.08 6.04
N PHE B 109 -7.79 -18.25 5.47
CA PHE B 109 -8.89 -19.10 5.08
C PHE B 109 -9.18 -20.33 5.94
N MET B 110 -9.30 -20.10 7.24
CA MET B 110 -9.58 -21.17 8.20
C MET B 110 -11.05 -21.60 8.10
N LYS B 111 -11.94 -20.65 7.86
CA LYS B 111 -13.37 -20.98 7.75
C LYS B 111 -13.98 -20.67 6.41
N GLU B 112 -13.43 -19.67 5.71
CA GLU B 112 -13.96 -19.29 4.42
C GLU B 112 -12.97 -19.53 3.28
N LEU B 113 -13.50 -19.52 2.06
CA LEU B 113 -12.69 -19.77 0.87
C LEU B 113 -12.32 -18.48 0.14
N PRO B 114 -11.23 -18.51 -0.65
CA PRO B 114 -10.83 -17.31 -1.39
C PRO B 114 -11.90 -17.14 -2.46
N THR B 115 -12.01 -15.98 -3.09
CA THR B 115 -13.03 -15.81 -4.12
C THR B 115 -12.81 -16.80 -5.27
N ALA B 116 -13.87 -17.08 -6.02
CA ALA B 116 -13.77 -18.01 -7.15
C ALA B 116 -12.74 -17.50 -8.14
N ASP B 117 -12.76 -16.20 -8.42
CA ASP B 117 -11.79 -15.61 -9.34
C ASP B 117 -10.37 -15.93 -8.88
N ALA B 118 -10.13 -15.77 -7.58
CA ALA B 118 -8.81 -16.05 -7.04
C ALA B 118 -8.44 -17.52 -7.24
N LEU B 119 -9.42 -18.40 -7.07
CA LEU B 119 -9.18 -19.83 -7.25
C LEU B 119 -8.95 -20.15 -8.72
N ASN B 120 -9.70 -19.49 -9.60
CA ASN B 120 -9.53 -19.70 -11.04
C ASN B 120 -8.16 -19.20 -11.49
N MET B 121 -7.78 -17.99 -11.10
CA MET B 121 -6.49 -17.44 -11.46
C MET B 121 -5.34 -18.29 -10.96
N CYS B 122 -5.48 -18.87 -9.77
CA CYS B 122 -4.43 -19.74 -9.25
C CYS B 122 -4.27 -20.96 -10.15
N ARG B 123 -5.39 -21.50 -10.64
CA ARG B 123 -5.31 -22.65 -11.54
C ARG B 123 -4.64 -22.21 -12.83
N ASN B 124 -5.03 -21.05 -13.35
CA ASN B 124 -4.44 -20.55 -14.57
C ASN B 124 -2.94 -20.38 -14.42
N LEU B 125 -2.51 -19.93 -13.25
CA LEU B 125 -1.08 -19.74 -13.00
C LEU B 125 -0.34 -21.07 -13.09
N LEU B 126 -0.95 -22.11 -12.51
CA LEU B 126 -0.36 -23.44 -12.54
C LEU B 126 -0.28 -23.96 -13.98
N ALA B 127 -1.33 -23.71 -14.75
CA ALA B 127 -1.36 -24.15 -16.14
C ALA B 127 -0.26 -23.43 -16.91
N ARG B 128 -0.16 -22.12 -16.69
CA ARG B 128 0.85 -21.31 -17.34
C ARG B 128 2.26 -21.80 -16.98
N GLY B 129 2.47 -22.13 -15.71
CA GLY B 129 3.77 -22.60 -15.28
C GLY B 129 4.21 -23.88 -15.95
N VAL B 130 3.25 -24.77 -16.23
CA VAL B 130 3.55 -26.03 -16.89
C VAL B 130 3.87 -25.75 -18.36
N GLU B 131 3.06 -24.90 -19.00
CA GLU B 131 3.28 -24.55 -20.39
C GLU B 131 4.69 -23.97 -20.61
N ASP B 132 5.11 -23.07 -19.73
CA ASP B 132 6.43 -22.46 -19.87
C ASP B 132 7.55 -23.31 -19.29
N GLY B 133 7.21 -24.48 -18.79
CA GLY B 133 8.24 -25.37 -18.25
C GLY B 133 8.83 -25.01 -16.90
N HIS B 134 8.16 -24.13 -16.17
CA HIS B 134 8.65 -23.75 -14.84
C HIS B 134 8.17 -24.81 -13.85
N ILE B 135 7.06 -25.46 -14.19
CA ILE B 135 6.48 -26.48 -13.34
C ILE B 135 6.41 -27.83 -14.08
N SER B 136 6.77 -28.89 -13.38
CA SER B 136 6.77 -30.22 -13.94
C SER B 136 5.37 -30.63 -14.42
N THR B 137 5.30 -31.32 -15.55
CA THR B 137 4.02 -31.75 -16.10
C THR B 137 3.23 -32.60 -15.09
N ASP B 138 3.95 -33.39 -14.30
CA ASP B 138 3.32 -34.25 -13.30
C ASP B 138 3.69 -33.77 -11.90
N TYR B 139 3.57 -32.46 -11.69
CA TYR B 139 3.89 -31.84 -10.41
C TYR B 139 2.95 -32.32 -9.31
N ARG B 140 3.40 -32.20 -8.08
CA ARG B 140 2.61 -32.60 -6.93
C ARG B 140 2.12 -31.36 -6.19
N LEU B 141 0.80 -31.24 -6.09
CA LEU B 141 0.19 -30.12 -5.40
C LEU B 141 -0.01 -30.48 -3.93
N ILE B 142 0.64 -29.74 -3.04
CA ILE B 142 0.52 -29.97 -1.61
C ILE B 142 0.24 -28.66 -0.88
N CYS B 143 -0.23 -28.77 0.35
CA CYS B 143 -0.53 -27.60 1.17
C CYS B 143 0.51 -27.46 2.27
N HIS B 144 0.72 -26.23 2.71
CA HIS B 144 1.69 -25.91 3.76
C HIS B 144 1.56 -26.81 4.99
N CYS B 145 0.33 -27.01 5.45
CA CYS B 145 0.04 -27.83 6.63
C CYS B 145 0.44 -29.31 6.52
N GLN B 146 0.64 -29.79 5.30
CA GLN B 146 1.05 -31.16 5.10
C GLN B 146 2.55 -31.30 5.30
N CYS B 147 3.27 -30.19 5.23
CA CYS B 147 4.72 -30.19 5.35
C CYS B 147 5.22 -29.79 6.74
N ASN B 148 4.59 -28.79 7.33
CA ASN B 148 4.97 -28.31 8.65
C ASN B 148 3.73 -28.15 9.50
N SER B 149 3.93 -28.01 10.81
CA SER B 149 2.82 -27.85 11.73
C SER B 149 2.35 -26.40 11.64
N THR B 150 1.16 -26.20 11.07
CA THR B 150 0.60 -24.87 10.90
C THR B 150 -0.80 -24.98 10.33
N GLU B 151 -1.63 -23.98 10.58
CA GLU B 151 -3.00 -23.94 10.07
C GLU B 151 -3.01 -23.54 8.59
N SER B 152 -1.91 -22.94 8.13
CA SER B 152 -1.77 -22.50 6.75
C SER B 152 -1.90 -23.70 5.81
N PRO B 153 -2.60 -23.54 4.67
CA PRO B 153 -3.30 -22.36 4.14
C PRO B 153 -4.71 -22.13 4.65
N GLY B 154 -5.05 -22.65 5.82
CA GLY B 154 -6.39 -22.48 6.33
C GLY B 154 -7.15 -23.76 6.07
N ARG B 155 -7.88 -24.24 7.08
CA ARG B 155 -8.63 -25.48 6.97
C ARG B 155 -9.57 -25.55 5.77
N ARG B 156 -10.43 -24.54 5.62
CA ARG B 156 -11.38 -24.53 4.51
C ARG B 156 -10.69 -24.61 3.14
N LEU B 157 -9.61 -23.85 2.97
CA LEU B 157 -8.89 -23.85 1.70
C LEU B 157 -8.19 -25.18 1.48
N TYR B 158 -7.62 -25.73 2.54
CA TYR B 158 -6.94 -27.01 2.48
C TYR B 158 -7.90 -28.06 1.94
N GLU B 159 -9.14 -28.03 2.42
CA GLU B 159 -10.15 -28.98 1.99
C GLU B 159 -10.52 -28.79 0.51
N GLU B 160 -10.42 -27.55 0.05
CA GLU B 160 -10.71 -27.24 -1.35
C GLU B 160 -9.59 -27.78 -2.24
N ILE B 161 -8.35 -27.49 -1.85
CA ILE B 161 -7.19 -27.93 -2.61
C ILE B 161 -7.08 -29.44 -2.78
N GLN B 162 -7.47 -30.21 -1.77
CA GLN B 162 -7.37 -31.66 -1.89
C GLN B 162 -8.33 -32.30 -2.90
N THR B 163 -9.15 -31.49 -3.54
CA THR B 163 -10.09 -31.98 -4.55
C THR B 163 -9.56 -31.61 -5.93
N TRP B 164 -8.44 -30.91 -5.96
CA TRP B 164 -7.83 -30.46 -7.21
C TRP B 164 -6.94 -31.53 -7.84
N PRO B 165 -6.93 -31.59 -9.17
CA PRO B 165 -6.08 -32.59 -9.81
C PRO B 165 -4.63 -32.26 -9.44
N HIS B 166 -3.81 -33.29 -9.31
CA HIS B 166 -2.40 -33.15 -8.96
C HIS B 166 -2.19 -33.15 -7.46
N PHE B 167 -3.26 -32.98 -6.69
CA PHE B 167 -3.13 -33.00 -5.24
C PHE B 167 -2.40 -34.28 -4.85
N TYR B 168 -1.47 -34.15 -3.91
CA TYR B 168 -0.66 -35.27 -3.46
C TYR B 168 -0.79 -35.47 -1.95
N ASN B 169 -1.19 -36.67 -1.54
CA ASN B 169 -1.33 -36.98 -0.13
C ASN B 169 0.00 -37.53 0.39
N ILE B 170 0.72 -36.72 1.15
CA ILE B 170 2.02 -37.13 1.67
C ILE B 170 1.94 -38.24 2.71
N GLU B 171 0.79 -38.38 3.37
CA GLU B 171 0.64 -39.41 4.39
C GLU B 171 0.59 -40.84 3.83
N GLU B 172 -0.34 -41.10 2.94
CA GLU B 172 -0.46 -42.44 2.35
C GLU B 172 0.80 -42.85 1.63
N GLU B 173 1.51 -41.88 1.05
CA GLU B 173 2.72 -42.15 0.31
C GLU B 173 3.93 -41.46 0.94
N GLU B 174 3.97 -40.21 0.92
N GLY C 1 -24.66 17.18 -30.86
CA GLY C 1 -23.93 16.19 -31.70
C GLY C 1 -22.74 16.80 -32.42
N HIS C 2 -21.77 15.99 -32.83
CA HIS C 2 -20.59 16.52 -33.51
C HIS C 2 -20.18 15.75 -34.74
N GLU C 3 -19.29 16.35 -35.56
CA GLU C 3 -18.80 15.71 -36.80
C GLU C 3 -17.30 15.31 -36.62
N LEU C 4 -16.87 14.13 -37.08
CA LEU C 4 -15.47 13.68 -36.91
C LEU C 4 -14.35 14.74 -37.07
N SER C 5 -14.63 15.81 -37.81
CA SER C 5 -13.64 16.87 -38.00
C SER C 5 -13.35 17.61 -36.69
N ALA C 6 -14.24 17.50 -35.71
CA ALA C 6 -14.04 18.17 -34.43
C ALA C 6 -12.98 17.45 -33.59
N ILE C 7 -12.77 16.17 -33.88
CA ILE C 7 -11.78 15.38 -33.16
C ILE C 7 -10.35 15.86 -33.43
N ILE C 8 -9.63 16.18 -32.36
CA ILE C 8 -8.25 16.64 -32.49
C ILE C 8 -7.36 15.42 -32.73
N PRO C 9 -6.69 15.39 -33.89
CA PRO C 9 -5.81 14.29 -34.30
C PRO C 9 -4.48 14.17 -33.57
N ARG C 10 -3.93 12.96 -33.58
CA ARG C 10 -2.65 12.67 -32.92
C ARG C 10 -1.55 13.67 -33.29
N SER C 11 -1.51 14.08 -34.55
CA SER C 11 -0.50 15.02 -35.00
C SER C 11 -0.60 16.35 -34.26
N SER C 12 -1.79 16.70 -33.81
CA SER C 12 -1.96 17.96 -33.10
C SER C 12 -1.35 17.93 -31.70
N TRP C 13 -1.15 16.75 -31.12
CA TRP C 13 -0.50 16.71 -29.81
C TRP C 13 0.90 16.10 -29.94
N LEU C 14 1.46 16.24 -31.14
CA LEU C 14 2.81 15.76 -31.47
C LEU C 14 3.13 14.31 -31.12
N ALA C 15 2.17 13.42 -31.33
CA ALA C 15 2.33 12.00 -31.05
C ALA C 15 3.42 11.33 -31.88
N GLN C 16 4.14 10.39 -31.27
CA GLN C 16 5.15 9.65 -31.99
C GLN C 16 4.43 8.41 -32.53
N LYS C 17 4.98 7.79 -33.57
CA LYS C 17 4.40 6.62 -34.19
C LYS C 17 4.58 5.39 -33.30
N PRO C 18 3.53 4.55 -33.16
CA PRO C 18 3.66 3.35 -32.33
C PRO C 18 4.92 2.58 -32.74
N MET C 19 5.61 2.02 -31.77
CA MET C 19 6.86 1.32 -32.05
C MET C 19 6.69 0.00 -32.79
N ASP C 20 5.54 -0.64 -32.62
CA ASP C 20 5.24 -1.90 -33.29
C ASP C 20 3.92 -1.72 -34.04
N GLU C 21 3.66 -2.63 -34.97
CA GLU C 21 2.44 -2.58 -35.77
C GLU C 21 1.20 -2.72 -34.90
N PRO C 22 0.35 -1.68 -34.87
CA PRO C 22 -0.87 -1.75 -34.06
C PRO C 22 -1.82 -2.86 -34.54
N LEU C 23 -2.59 -3.42 -33.59
CA LEU C 23 -3.54 -4.48 -33.89
C LEU C 23 -4.89 -3.95 -34.33
N PRO C 24 -5.40 -4.44 -35.48
CA PRO C 24 -6.70 -3.96 -35.93
C PRO C 24 -7.83 -4.44 -35.03
N LEU C 25 -8.69 -3.50 -34.67
CA LEU C 25 -9.84 -3.76 -33.82
C LEU C 25 -11.01 -4.12 -34.73
N GLN C 26 -11.67 -5.25 -34.45
CA GLN C 26 -12.80 -5.68 -35.26
C GLN C 26 -14.06 -4.87 -34.91
N LEU C 27 -14.60 -4.17 -35.91
CA LEU C 27 -15.79 -3.36 -35.70
C LEU C 27 -17.05 -4.06 -36.21
N PRO C 28 -18.23 -3.66 -35.68
CA PRO C 28 -18.39 -2.63 -34.65
C PRO C 28 -18.16 -3.23 -33.26
N VAL C 29 -17.72 -2.41 -32.32
CA VAL C 29 -17.48 -2.91 -30.96
C VAL C 29 -18.77 -2.98 -30.16
N LYS C 30 -18.89 -3.98 -29.30
CA LYS C 30 -20.09 -4.12 -28.51
C LYS C 30 -19.99 -3.36 -27.21
N TYR C 31 -18.76 -3.09 -26.78
CA TYR C 31 -18.53 -2.36 -25.53
C TYR C 31 -17.78 -1.04 -25.67
N VAL C 32 -18.09 -0.12 -24.77
CA VAL C 32 -17.42 1.17 -24.71
C VAL C 32 -17.04 1.31 -23.24
N VAL C 33 -15.75 1.35 -22.97
CA VAL C 33 -15.28 1.47 -21.60
C VAL C 33 -14.89 2.91 -21.28
N ILE C 34 -15.39 3.40 -20.15
CA ILE C 34 -15.10 4.75 -19.71
C ILE C 34 -14.06 4.71 -18.61
N LEU C 35 -12.97 5.45 -18.81
CA LEU C 35 -11.90 5.51 -17.82
C LEU C 35 -11.61 6.98 -17.54
N HIS C 36 -10.63 7.23 -16.68
CA HIS C 36 -10.18 8.58 -16.43
C HIS C 36 -8.69 8.40 -16.38
N THR C 37 -7.93 9.49 -16.46
CA THR C 37 -6.48 9.40 -16.48
C THR C 37 -5.80 9.45 -15.10
N ALA C 38 -6.51 10.00 -14.12
CA ALA C 38 -5.98 10.16 -12.76
C ALA C 38 -4.86 11.18 -12.78
N THR C 39 -4.99 12.16 -13.66
CA THR C 39 -4.02 13.24 -13.79
C THR C 39 -4.80 14.50 -13.46
N GLU C 40 -4.20 15.66 -13.70
CA GLU C 40 -4.91 16.90 -13.45
C GLU C 40 -5.85 17.06 -14.65
N SER C 41 -6.81 17.95 -14.52
CA SER C 41 -7.73 18.22 -15.63
C SER C 41 -7.46 19.67 -16.01
N SER C 42 -7.92 20.08 -17.17
CA SER C 42 -7.68 21.45 -17.61
C SER C 42 -8.72 21.89 -18.61
N GLU C 43 -9.02 23.19 -18.61
CA GLU C 43 -9.97 23.75 -19.55
C GLU C 43 -9.20 24.40 -20.69
N LYS C 44 -7.88 24.32 -20.62
CA LYS C 44 -7.01 24.89 -21.65
C LYS C 44 -6.53 23.78 -22.57
N ARG C 45 -6.72 23.97 -23.86
CA ARG C 45 -6.30 22.98 -24.83
C ARG C 45 -4.79 22.71 -24.79
N ALA C 46 -3.99 23.75 -24.56
CA ALA C 46 -2.54 23.59 -24.51
C ALA C 46 -2.08 22.69 -23.35
N ILE C 47 -2.75 22.76 -22.21
CA ILE C 47 -2.38 21.92 -21.08
C ILE C 47 -2.83 20.48 -21.34
N ASN C 48 -4.01 20.32 -21.92
CA ASN C 48 -4.51 19.00 -22.24
C ASN C 48 -3.58 18.31 -23.23
N VAL C 49 -3.06 19.09 -24.18
CA VAL C 49 -2.14 18.53 -25.17
C VAL C 49 -0.84 18.12 -24.48
N ARG C 50 -0.41 18.90 -23.50
CA ARG C 50 0.81 18.59 -22.78
C ARG C 50 0.60 17.25 -22.04
N LEU C 51 -0.52 17.15 -21.33
CA LEU C 51 -0.84 15.95 -20.58
C LEU C 51 -0.91 14.70 -21.45
N ILE C 52 -1.53 14.84 -22.62
CA ILE C 52 -1.65 13.70 -23.52
C ILE C 52 -0.31 13.24 -24.07
N ARG C 53 0.53 14.18 -24.50
CA ARG C 53 1.83 13.80 -25.04
C ARG C 53 2.69 13.14 -23.96
N ASP C 54 2.66 13.70 -22.74
CA ASP C 54 3.44 13.10 -21.65
C ASP C 54 2.88 11.73 -21.29
N MET C 55 1.56 11.56 -21.41
CA MET C 55 0.93 10.27 -21.12
C MET C 55 1.33 9.23 -22.14
N GLN C 56 1.55 9.64 -23.40
CA GLN C 56 1.96 8.66 -24.40
C GLN C 56 3.35 8.14 -24.03
N SER C 57 4.18 9.03 -23.51
CA SER C 57 5.53 8.63 -23.10
C SER C 57 5.47 7.77 -21.86
N PHE C 58 4.52 8.08 -20.97
CA PHE C 58 4.35 7.32 -19.75
C PHE C 58 3.99 5.90 -20.13
N HIS C 59 3.00 5.74 -21.01
CA HIS C 59 2.57 4.42 -21.42
C HIS C 59 3.60 3.62 -22.22
N ILE C 60 4.35 4.31 -23.08
CA ILE C 60 5.36 3.65 -23.88
C ILE C 60 6.63 3.34 -23.11
N GLU C 61 7.21 4.36 -22.50
CA GLU C 61 8.47 4.21 -21.78
C GLU C 61 8.37 3.84 -20.31
N SER C 62 7.34 4.31 -19.63
CA SER C 62 7.19 3.98 -18.23
C SER C 62 6.51 2.64 -18.01
N ARG C 63 5.57 2.28 -18.88
CA ARG C 63 4.85 1.01 -18.74
C ARG C 63 5.34 -0.04 -19.74
N GLY C 64 6.02 0.40 -20.79
CA GLY C 64 6.51 -0.54 -21.77
C GLY C 64 5.46 -0.96 -22.78
N TRP C 65 4.44 -0.13 -22.98
CA TRP C 65 3.40 -0.46 -23.94
C TRP C 65 3.74 0.06 -25.34
N ASN C 66 2.86 -0.18 -26.30
CA ASN C 66 3.10 0.25 -27.68
C ASN C 66 2.65 1.68 -28.01
N ASP C 67 1.76 2.23 -27.20
CA ASP C 67 1.26 3.57 -27.50
C ASP C 67 0.35 4.02 -26.36
N ILE C 68 -0.17 5.24 -26.44
CA ILE C 68 -1.08 5.72 -25.41
C ILE C 68 -2.16 4.64 -25.35
N ALA C 69 -2.56 4.27 -24.14
CA ALA C 69 -3.54 3.22 -23.91
C ALA C 69 -4.95 3.37 -24.44
N TYR C 70 -5.45 4.61 -24.47
CA TYR C 70 -6.81 4.88 -24.89
C TYR C 70 -7.06 5.11 -26.37
N ASN C 71 -8.28 4.80 -26.80
CA ASN C 71 -8.67 5.02 -28.18
C ASN C 71 -8.96 6.53 -28.33
N PHE C 72 -9.64 7.09 -27.34
CA PHE C 72 -9.95 8.51 -27.32
C PHE C 72 -9.88 9.10 -25.91
N LEU C 73 -9.62 10.40 -25.83
CA LEU C 73 -9.55 11.10 -24.55
C LEU C 73 -10.46 12.31 -24.62
N VAL C 74 -10.99 12.69 -23.46
CA VAL C 74 -11.89 13.83 -23.38
C VAL C 74 -11.35 14.84 -22.39
N GLY C 75 -11.01 16.03 -22.88
CA GLY C 75 -10.48 17.06 -22.01
C GLY C 75 -11.60 17.91 -21.45
N CYS C 76 -11.38 18.54 -20.30
CA CYS C 76 -12.41 19.37 -19.70
C CYS C 76 -12.59 20.66 -20.49
N ASP C 77 -11.82 20.79 -21.56
CA ASP C 77 -11.92 21.96 -22.44
C ASP C 77 -13.06 21.68 -23.41
N GLY C 78 -13.66 20.51 -23.27
CA GLY C 78 -14.76 20.13 -24.15
C GLY C 78 -14.31 19.48 -25.44
N ASN C 79 -13.01 19.24 -25.60
CA ASN C 79 -12.51 18.63 -26.82
C ASN C 79 -12.29 17.12 -26.72
N ILE C 80 -12.37 16.48 -27.87
CA ILE C 80 -12.14 15.05 -27.99
C ILE C 80 -10.77 14.91 -28.63
N TYR C 81 -9.89 14.14 -28.01
CA TYR C 81 -8.57 13.94 -28.58
C TYR C 81 -8.43 12.50 -29.07
N GLU C 82 -7.76 12.33 -30.20
CA GLU C 82 -7.56 11.00 -30.74
C GLU C 82 -6.45 10.29 -29.98
N GLY C 83 -6.71 9.03 -29.64
CA GLY C 83 -5.73 8.23 -28.96
C GLY C 83 -5.25 7.23 -30.00
N ARG C 84 -5.65 5.97 -29.87
CA ARG C 84 -5.27 4.97 -30.85
C ARG C 84 -6.24 5.01 -32.04
N GLY C 85 -7.39 5.64 -31.84
CA GLY C 85 -8.36 5.74 -32.92
C GLY C 85 -9.48 4.74 -32.87
N TRP C 86 -10.32 4.78 -33.91
CA TRP C 86 -11.48 3.90 -34.04
C TRP C 86 -11.19 2.46 -34.42
N LYS C 87 -10.06 2.21 -35.04
CA LYS C 87 -9.77 0.87 -35.52
C LYS C 87 -8.58 0.15 -34.89
N THR C 88 -8.14 0.58 -33.72
CA THR C 88 -6.99 -0.05 -33.10
C THR C 88 -7.25 -0.61 -31.71
N VAL C 89 -6.79 -1.83 -31.47
CA VAL C 89 -6.95 -2.46 -30.16
C VAL C 89 -6.14 -1.66 -29.14
N GLY C 90 -6.82 -1.25 -28.07
CA GLY C 90 -6.14 -0.47 -27.04
C GLY C 90 -5.47 -1.29 -25.95
N ALA C 91 -5.03 -0.61 -24.90
CA ALA C 91 -4.37 -1.24 -23.76
C ALA C 91 -4.87 -0.53 -22.52
N HIS C 92 -6.19 -0.36 -22.46
CA HIS C 92 -6.83 0.34 -21.37
C HIS C 92 -7.54 -0.54 -20.34
N THR C 93 -8.19 -1.60 -20.81
CA THR C 93 -8.93 -2.47 -19.92
C THR C 93 -8.66 -3.96 -20.17
N LEU C 94 -7.93 -4.60 -19.26
CA LEU C 94 -7.64 -6.01 -19.41
C LEU C 94 -8.95 -6.78 -19.50
N GLY C 95 -9.05 -7.64 -20.51
CA GLY C 95 -10.25 -8.44 -20.71
C GLY C 95 -11.27 -7.80 -21.64
N TYR C 96 -11.03 -6.57 -22.08
CA TYR C 96 -11.97 -5.90 -22.98
C TYR C 96 -11.35 -5.13 -24.13
N ASN C 97 -10.01 -5.12 -24.21
CA ASN C 97 -9.34 -4.36 -25.27
C ASN C 97 -9.72 -4.73 -26.69
N ARG C 98 -9.86 -6.02 -26.97
CA ARG C 98 -10.18 -6.50 -28.31
C ARG C 98 -11.66 -6.43 -28.67
N ILE C 99 -12.50 -5.96 -27.74
CA ILE C 99 -13.93 -5.90 -27.99
C ILE C 99 -14.57 -4.58 -27.57
N SER C 100 -13.78 -3.50 -27.53
CA SER C 100 -14.34 -2.22 -27.13
C SER C 100 -13.45 -1.05 -27.51
N LEU C 101 -13.95 0.14 -27.20
CA LEU C 101 -13.22 1.38 -27.41
C LEU C 101 -13.11 1.96 -26.01
N GLY C 102 -11.91 2.35 -25.61
CA GLY C 102 -11.73 2.91 -24.30
C GLY C 102 -11.67 4.42 -24.37
N ILE C 103 -12.64 5.09 -23.76
CA ILE C 103 -12.68 6.54 -23.75
C ILE C 103 -12.32 7.01 -22.34
N SER C 104 -11.26 7.82 -22.24
CA SER C 104 -10.82 8.29 -20.94
C SER C 104 -10.92 9.79 -20.76
N PHE C 105 -11.47 10.22 -19.63
CA PHE C 105 -11.58 11.64 -19.36
C PHE C 105 -10.27 12.08 -18.72
N ILE C 106 -9.72 13.19 -19.18
CA ILE C 106 -8.47 13.69 -18.64
C ILE C 106 -8.74 14.39 -17.32
N GLY C 107 -8.26 13.78 -16.25
CA GLY C 107 -8.47 14.32 -14.92
C GLY C 107 -8.66 13.20 -13.94
N CYS C 108 -9.02 13.54 -12.70
CA CYS C 108 -9.25 12.55 -11.65
C CYS C 108 -10.61 12.87 -11.06
N PHE C 109 -11.59 12.03 -11.37
CA PHE C 109 -12.95 12.30 -10.93
C PHE C 109 -13.54 11.45 -9.83
N MET C 110 -12.77 11.26 -8.77
CA MET C 110 -13.21 10.48 -7.62
C MET C 110 -14.29 11.25 -6.86
N LYS C 111 -14.11 12.57 -6.73
CA LYS C 111 -15.07 13.41 -6.01
C LYS C 111 -15.80 14.42 -6.89
N GLU C 112 -15.10 14.94 -7.90
CA GLU C 112 -15.66 15.93 -8.80
C GLU C 112 -16.07 15.33 -10.13
N LEU C 113 -16.87 16.08 -10.87
CA LEU C 113 -17.37 15.64 -12.17
C LEU C 113 -16.71 16.42 -13.31
N PRO C 114 -16.53 15.79 -14.49
CA PRO C 114 -15.91 16.53 -15.60
C PRO C 114 -16.87 17.66 -15.95
N THR C 115 -16.41 18.66 -16.69
CA THR C 115 -17.30 19.76 -17.06
C THR C 115 -18.46 19.23 -17.89
N ALA C 116 -19.55 20.00 -17.93
CA ALA C 116 -20.73 19.62 -18.69
C ALA C 116 -20.38 19.43 -20.17
N ASP C 117 -19.55 20.32 -20.70
CA ASP C 117 -19.14 20.23 -22.09
C ASP C 117 -18.39 18.93 -22.35
N ALA C 118 -17.53 18.55 -21.41
CA ALA C 118 -16.77 17.33 -21.56
C ALA C 118 -17.73 16.14 -21.57
N LEU C 119 -18.68 16.14 -20.65
CA LEU C 119 -19.66 15.07 -20.58
C LEU C 119 -20.50 14.97 -21.85
N ASN C 120 -21.04 16.09 -22.30
CA ASN C 120 -21.86 16.10 -23.52
C ASN C 120 -21.04 15.68 -24.74
N MET C 121 -19.84 16.24 -24.90
CA MET C 121 -19.00 15.87 -26.03
C MET C 121 -18.74 14.38 -26.08
N CYS C 122 -18.60 13.78 -24.90
CA CYS C 122 -18.35 12.35 -24.83
C CYS C 122 -19.57 11.61 -25.38
N ARG C 123 -20.76 12.10 -25.05
CA ARG C 123 -21.98 11.48 -25.54
C ARG C 123 -22.12 11.68 -27.04
N ASN C 124 -21.74 12.85 -27.55
CA ASN C 124 -21.81 13.12 -28.98
C ASN C 124 -20.84 12.16 -29.68
N LEU C 125 -19.71 11.88 -29.03
CA LEU C 125 -18.72 10.98 -29.60
C LEU C 125 -19.30 9.59 -29.73
N LEU C 126 -20.08 9.18 -28.73
CA LEU C 126 -20.69 7.86 -28.73
C LEU C 126 -21.72 7.79 -29.85
N ALA C 127 -22.56 8.82 -29.93
CA ALA C 127 -23.58 8.89 -30.98
C ALA C 127 -22.95 8.80 -32.36
N ARG C 128 -21.85 9.52 -32.58
CA ARG C 128 -21.19 9.49 -33.88
C ARG C 128 -20.56 8.14 -34.16
N GLY C 129 -20.10 7.46 -33.11
CA GLY C 129 -19.47 6.16 -33.29
C GLY C 129 -20.47 5.14 -33.80
N VAL C 130 -21.70 5.24 -33.32
CA VAL C 130 -22.76 4.32 -33.72
C VAL C 130 -23.16 4.65 -35.16
N GLU C 131 -23.39 5.93 -35.41
CA GLU C 131 -23.78 6.40 -36.74
C GLU C 131 -22.79 5.97 -37.82
N ASP C 132 -21.49 5.96 -37.52
CA ASP C 132 -20.50 5.56 -38.50
C ASP C 132 -20.16 4.08 -38.48
N GLY C 133 -20.93 3.32 -37.71
CA GLY C 133 -20.71 1.88 -37.63
C GLY C 133 -19.48 1.42 -36.88
N HIS C 134 -18.96 2.24 -35.97
CA HIS C 134 -17.79 1.86 -35.19
C HIS C 134 -18.27 1.23 -33.89
N ILE C 135 -19.39 1.74 -33.40
CA ILE C 135 -19.99 1.28 -32.15
C ILE C 135 -21.34 0.62 -32.44
N SER C 136 -21.50 -0.61 -31.97
CA SER C 136 -22.75 -1.37 -32.15
C SER C 136 -23.97 -0.57 -31.69
N THR C 137 -25.06 -0.71 -32.44
CA THR C 137 -26.31 -0.01 -32.13
C THR C 137 -26.81 -0.32 -30.72
N ASP C 138 -26.57 -1.54 -30.24
CA ASP C 138 -26.97 -1.92 -28.88
C ASP C 138 -25.72 -2.15 -28.03
N TYR C 139 -24.80 -1.20 -28.09
CA TYR C 139 -23.54 -1.29 -27.35
C TYR C 139 -23.77 -1.20 -25.84
N ARG C 140 -22.86 -1.84 -25.10
CA ARG C 140 -22.91 -1.82 -23.65
C ARG C 140 -21.87 -0.85 -23.12
N LEU C 141 -22.35 0.17 -22.41
CA LEU C 141 -21.49 1.19 -21.83
C LEU C 141 -21.11 0.77 -20.42
N ILE C 142 -19.83 0.53 -20.19
CA ILE C 142 -19.35 0.12 -18.87
C ILE C 142 -18.17 0.98 -18.42
N CYS C 143 -17.89 0.91 -17.13
CA CYS C 143 -16.79 1.67 -16.56
C CYS C 143 -15.62 0.76 -16.21
N HIS C 144 -14.42 1.33 -16.26
CA HIS C 144 -13.18 0.62 -15.96
C HIS C 144 -13.28 -0.17 -14.64
N CYS C 145 -13.80 0.45 -13.59
CA CYS C 145 -13.90 -0.20 -12.29
C CYS C 145 -14.82 -1.43 -12.24
N GLN C 146 -15.65 -1.62 -13.27
CA GLN C 146 -16.54 -2.78 -13.31
C GLN C 146 -15.77 -3.97 -13.88
N CYS C 147 -14.64 -3.68 -14.52
CA CYS C 147 -13.84 -4.72 -15.15
C CYS C 147 -12.62 -5.18 -14.37
N ASN C 148 -11.92 -4.23 -13.75
CA ASN C 148 -10.74 -4.54 -12.97
C ASN C 148 -10.83 -3.78 -11.67
N SER C 149 -9.96 -4.13 -10.72
CA SER C 149 -9.96 -3.46 -9.44
C SER C 149 -9.20 -2.15 -9.64
N THR C 150 -9.93 -1.04 -9.60
CA THR C 150 -9.35 0.27 -9.78
C THR C 150 -10.40 1.32 -9.48
N GLU C 151 -9.95 2.49 -9.05
CA GLU C 151 -10.86 3.57 -8.74
C GLU C 151 -11.41 4.15 -10.03
N SER C 152 -10.62 4.10 -11.09
CA SER C 152 -10.99 4.62 -12.40
C SER C 152 -12.38 4.13 -12.80
N PRO C 153 -13.21 5.00 -13.41
CA PRO C 153 -12.97 6.40 -13.78
C PRO C 153 -13.25 7.40 -12.69
N GLY C 154 -13.20 6.98 -11.44
CA GLY C 154 -13.50 7.88 -10.35
C GLY C 154 -14.93 7.66 -9.91
N ARG C 155 -15.14 7.42 -8.61
CA ARG C 155 -16.47 7.16 -8.07
C ARG C 155 -17.56 8.14 -8.51
N ARG C 156 -17.28 9.45 -8.45
CA ARG C 156 -18.29 10.42 -8.85
C ARG C 156 -18.66 10.27 -10.33
N LEU C 157 -17.66 10.14 -11.20
CA LEU C 157 -17.92 9.99 -12.62
C LEU C 157 -18.65 8.67 -12.88
N TYR C 158 -18.28 7.65 -12.10
CA TYR C 158 -18.88 6.33 -12.21
C TYR C 158 -20.40 6.42 -11.98
N GLU C 159 -20.79 7.19 -10.97
CA GLU C 159 -22.21 7.36 -10.64
C GLU C 159 -22.93 8.11 -11.75
N GLU C 160 -22.23 9.02 -12.40
CA GLU C 160 -22.82 9.80 -13.48
C GLU C 160 -23.08 8.88 -14.67
N ILE C 161 -22.09 8.07 -15.00
CA ILE C 161 -22.21 7.17 -16.13
C ILE C 161 -23.25 6.08 -16.00
N GLN C 162 -23.48 5.58 -14.79
CA GLN C 162 -24.47 4.53 -14.67
C GLN C 162 -25.89 5.01 -14.91
N THR C 163 -26.08 6.32 -15.04
CA THR C 163 -27.39 6.88 -15.31
C THR C 163 -27.57 7.15 -16.80
N TRP C 164 -26.51 6.89 -17.57
CA TRP C 164 -26.54 7.10 -19.02
C TRP C 164 -27.19 5.96 -19.77
N PRO C 165 -27.86 6.25 -20.89
CA PRO C 165 -28.48 5.17 -21.64
C PRO C 165 -27.37 4.25 -22.14
N HIS C 166 -27.67 2.96 -22.20
CA HIS C 166 -26.71 1.95 -22.65
C HIS C 166 -25.83 1.42 -21.53
N PHE C 167 -25.98 1.97 -20.32
CA PHE C 167 -25.18 1.50 -19.21
C PHE C 167 -25.50 0.04 -18.95
N TYR C 168 -24.47 -0.79 -18.89
CA TYR C 168 -24.61 -2.22 -18.69
C TYR C 168 -24.01 -2.65 -17.35
N ASN C 169 -24.87 -3.06 -16.42
CA ASN C 169 -24.44 -3.49 -15.10
C ASN C 169 -23.92 -4.91 -15.21
N ILE C 170 -22.61 -5.05 -15.41
CA ILE C 170 -21.99 -6.36 -15.56
C ILE C 170 -22.39 -7.36 -14.48
N GLU C 171 -22.27 -6.95 -13.21
CA GLU C 171 -22.59 -7.84 -12.10
C GLU C 171 -24.02 -8.38 -12.11
N GLU C 172 -25.00 -7.50 -12.28
CA GLU C 172 -26.39 -7.94 -12.30
C GLU C 172 -26.66 -8.89 -13.46
N GLU C 173 -26.34 -8.44 -14.68
CA GLU C 173 -26.54 -9.22 -15.90
C GLU C 173 -25.78 -10.54 -15.90
N GLU C 174 -24.58 -10.55 -15.52
N LEU D 4 -5.11 10.38 17.23
CA LEU D 4 -5.52 8.97 16.96
C LEU D 4 -4.84 8.42 15.71
N SER D 5 -4.41 9.31 14.83
CA SER D 5 -3.74 8.90 13.60
C SER D 5 -2.34 8.35 13.89
N ALA D 6 -1.83 8.61 15.09
CA ALA D 6 -0.51 8.14 15.46
C ALA D 6 -0.55 6.66 15.86
N ILE D 7 -1.75 6.13 16.07
CA ILE D 7 -1.91 4.74 16.45
C ILE D 7 -1.66 3.83 15.24
N ILE D 8 -0.73 2.89 15.40
CA ILE D 8 -0.41 1.95 14.33
C ILE D 8 -1.54 0.92 14.28
N PRO D 9 -2.29 0.90 13.18
CA PRO D 9 -3.42 -0.01 12.94
C PRO D 9 -3.07 -1.48 12.79
N ARG D 10 -4.06 -2.34 13.03
CA ARG D 10 -3.91 -3.79 12.93
C ARG D 10 -3.28 -4.21 11.61
N SER D 11 -3.67 -3.54 10.53
CA SER D 11 -3.14 -3.87 9.21
C SER D 11 -1.63 -3.74 9.17
N SER D 12 -1.07 -2.83 9.96
CA SER D 12 0.36 -2.65 9.97
C SER D 12 1.15 -3.77 10.63
N TRP D 13 0.51 -4.62 11.42
CA TRP D 13 1.24 -5.74 11.99
C TRP D 13 0.66 -7.02 11.41
N LEU D 14 0.05 -6.86 10.24
CA LEU D 14 -0.53 -7.96 9.48
C LEU D 14 -1.53 -8.83 10.26
N ALA D 15 -2.35 -8.18 11.06
CA ALA D 15 -3.34 -8.89 11.86
C ALA D 15 -4.28 -9.75 11.04
N GLN D 16 -4.70 -10.83 11.67
CA GLN D 16 -5.63 -11.81 11.13
C GLN D 16 -7.00 -11.31 11.59
N LYS D 17 -8.05 -11.58 10.84
CA LYS D 17 -9.38 -11.14 11.27
C LYS D 17 -9.93 -12.13 12.32
N PRO D 18 -10.58 -11.62 13.37
CA PRO D 18 -11.14 -12.49 14.41
C PRO D 18 -12.01 -13.56 13.78
N MET D 19 -11.93 -14.77 14.32
CA MET D 19 -12.69 -15.89 13.76
C MET D 19 -14.19 -15.78 14.01
N ASP D 20 -14.57 -15.22 15.15
CA ASP D 20 -15.98 -15.04 15.47
C ASP D 20 -16.27 -13.55 15.65
N GLU D 21 -17.55 -13.19 15.55
CA GLU D 21 -17.97 -11.80 15.68
C GLU D 21 -17.56 -11.18 17.01
N PRO D 22 -16.73 -10.14 16.96
CA PRO D 22 -16.31 -9.50 18.21
C PRO D 22 -17.50 -8.98 19.00
N LEU D 23 -17.29 -8.78 20.30
CA LEU D 23 -18.34 -8.29 21.18
C LEU D 23 -18.11 -6.80 21.44
N PRO D 24 -19.12 -5.96 21.15
CA PRO D 24 -19.01 -4.52 21.37
C PRO D 24 -18.91 -4.08 22.83
N LEU D 25 -17.95 -3.19 23.09
CA LEU D 25 -17.72 -2.66 24.42
C LEU D 25 -18.58 -1.41 24.59
N GLN D 26 -19.33 -1.33 25.70
CA GLN D 26 -20.19 -0.17 25.93
C GLN D 26 -19.34 0.98 26.48
N LEU D 27 -19.37 2.10 25.77
CA LEU D 27 -18.59 3.28 26.12
C LEU D 27 -19.45 4.40 26.72
N PRO D 28 -18.83 5.30 27.51
CA PRO D 28 -17.40 5.32 27.84
C PRO D 28 -17.04 4.27 28.89
N VAL D 29 -15.81 3.78 28.81
CA VAL D 29 -15.33 2.76 29.74
C VAL D 29 -14.99 3.37 31.10
N LYS D 30 -15.36 2.65 32.17
CA LYS D 30 -15.12 3.12 33.54
C LYS D 30 -13.72 2.77 34.07
N TYR D 31 -13.13 1.70 33.53
CA TYR D 31 -11.80 1.27 33.97
C TYR D 31 -10.78 1.12 32.84
N VAL D 32 -9.51 1.31 33.20
CA VAL D 32 -8.42 1.12 32.25
C VAL D 32 -7.43 0.22 32.97
N VAL D 33 -7.26 -0.99 32.45
CA VAL D 33 -6.35 -1.96 33.04
C VAL D 33 -5.00 -1.91 32.36
N ILE D 34 -3.94 -1.81 33.15
CA ILE D 34 -2.60 -1.79 32.60
C ILE D 34 -1.97 -3.18 32.78
N LEU D 35 -1.44 -3.72 31.70
CA LEU D 35 -0.81 -5.03 31.73
C LEU D 35 0.54 -4.96 31.03
N HIS D 36 1.29 -6.05 31.09
CA HIS D 36 2.54 -6.12 30.34
C HIS D 36 2.38 -7.44 29.60
N THR D 37 3.25 -7.70 28.62
CA THR D 37 3.13 -8.92 27.84
C THR D 37 3.97 -10.09 28.32
N ALA D 38 4.96 -9.80 29.16
CA ALA D 38 5.88 -10.81 29.70
C ALA D 38 6.71 -11.41 28.57
N THR D 39 6.98 -10.60 27.54
CA THR D 39 7.78 -11.02 26.40
C THR D 39 9.01 -10.13 26.40
N GLU D 40 9.81 -10.19 25.35
CA GLU D 40 10.96 -9.30 25.27
C GLU D 40 10.40 -7.92 24.91
N SER D 41 11.23 -6.89 25.07
CA SER D 41 10.82 -5.53 24.73
C SER D 41 11.74 -5.08 23.61
N SER D 42 11.35 -4.05 22.88
CA SER D 42 12.18 -3.55 21.79
C SER D 42 11.93 -2.08 21.48
N GLU D 43 12.98 -1.39 21.04
CA GLU D 43 12.86 0.01 20.67
C GLU D 43 12.71 0.08 19.15
N LYS D 44 12.75 -1.09 18.52
CA LYS D 44 12.61 -1.20 17.07
C LYS D 44 11.19 -1.59 16.70
N ARG D 45 10.56 -0.77 15.88
CA ARG D 45 9.20 -1.03 15.45
C ARG D 45 9.08 -2.41 14.80
N ALA D 46 10.02 -2.75 13.94
CA ALA D 46 10.01 -4.03 13.25
C ALA D 46 9.91 -5.22 14.22
N ILE D 47 10.56 -5.11 15.37
CA ILE D 47 10.54 -6.18 16.36
C ILE D 47 9.22 -6.20 17.11
N ASN D 48 8.73 -5.04 17.50
CA ASN D 48 7.46 -4.98 18.21
C ASN D 48 6.35 -5.54 17.31
N VAL D 49 6.46 -5.29 16.00
CA VAL D 49 5.47 -5.77 15.05
C VAL D 49 5.48 -7.30 15.03
N ARG D 50 6.69 -7.87 15.02
CA ARG D 50 6.86 -9.33 15.03
C ARG D 50 6.22 -9.90 16.30
N LEU D 51 6.56 -9.30 17.44
CA LEU D 51 6.03 -9.74 18.73
C LEU D 51 4.51 -9.70 18.80
N ILE D 52 3.94 -8.60 18.31
CA ILE D 52 2.48 -8.46 18.34
C ILE D 52 1.79 -9.47 17.45
N ARG D 53 2.33 -9.72 16.26
CA ARG D 53 1.72 -10.69 15.37
C ARG D 53 1.85 -12.10 15.93
N ASP D 54 3.00 -12.41 16.53
CA ASP D 54 3.17 -13.74 17.12
C ASP D 54 2.25 -13.85 18.34
N MET D 55 2.04 -12.75 19.04
CA MET D 55 1.14 -12.78 20.19
C MET D 55 -0.30 -13.01 19.74
N GLN D 56 -0.69 -12.49 18.59
CA GLN D 56 -2.05 -12.70 18.14
C GLN D 56 -2.23 -14.18 17.88
N SER D 57 -1.24 -14.81 17.24
CA SER D 57 -1.35 -16.24 16.98
C SER D 57 -1.29 -17.04 18.27
N PHE D 58 -0.55 -16.54 19.25
CA PHE D 58 -0.43 -17.21 20.53
C PHE D 58 -1.79 -17.22 21.22
N HIS D 59 -2.45 -16.06 21.24
CA HIS D 59 -3.76 -15.95 21.88
C HIS D 59 -4.86 -16.70 21.15
N ILE D 60 -4.78 -16.74 19.84
CA ILE D 60 -5.80 -17.43 19.06
C ILE D 60 -5.59 -18.92 19.03
N GLU D 61 -4.40 -19.34 18.65
CA GLU D 61 -4.11 -20.76 18.52
C GLU D 61 -3.57 -21.47 19.75
N SER D 62 -2.79 -20.78 20.58
CA SER D 62 -2.25 -21.43 21.77
C SER D 62 -3.21 -21.36 22.95
N ARG D 63 -4.02 -20.28 23.02
CA ARG D 63 -4.96 -20.12 24.12
C ARG D 63 -6.39 -20.40 23.66
N GLY D 64 -6.61 -20.45 22.36
CA GLY D 64 -7.95 -20.70 21.85
C GLY D 64 -8.90 -19.52 21.96
N TRP D 65 -8.36 -18.30 22.02
CA TRP D 65 -9.21 -17.12 22.10
C TRP D 65 -9.60 -16.60 20.72
N ASN D 66 -10.37 -15.51 20.68
CA ASN D 66 -10.87 -14.98 19.41
C ASN D 66 -9.97 -13.98 18.69
N ASP D 67 -9.04 -13.38 19.41
CA ASP D 67 -8.15 -12.39 18.81
C ASP D 67 -7.09 -12.04 19.85
N ILE D 68 -6.15 -11.18 19.49
CA ILE D 68 -5.14 -10.78 20.44
C ILE D 68 -5.93 -10.24 21.64
N ALA D 69 -5.44 -10.55 22.84
CA ALA D 69 -6.12 -10.18 24.08
C ALA D 69 -6.35 -8.72 24.43
N TYR D 70 -5.39 -7.85 24.13
CA TYR D 70 -5.49 -6.44 24.50
C TYR D 70 -6.19 -5.49 23.54
N ASN D 71 -6.63 -4.35 24.07
CA ASN D 71 -7.29 -3.33 23.26
C ASN D 71 -6.21 -2.53 22.55
N PHE D 72 -5.11 -2.26 23.26
CA PHE D 72 -3.97 -1.54 22.71
C PHE D 72 -2.68 -2.03 23.36
N LEU D 73 -1.56 -1.87 22.64
CA LEU D 73 -0.26 -2.26 23.15
C LEU D 73 0.70 -1.10 23.02
N VAL D 74 1.66 -1.02 23.92
CA VAL D 74 2.64 0.06 23.91
C VAL D 74 4.06 -0.49 23.77
N GLY D 75 4.74 -0.11 22.70
CA GLY D 75 6.09 -0.59 22.49
C GLY D 75 7.12 0.33 23.11
N CYS D 76 8.30 -0.19 23.37
CA CYS D 76 9.36 0.62 23.95
C CYS D 76 9.95 1.53 22.88
N ASP D 77 9.38 1.47 21.67
CA ASP D 77 9.81 2.33 20.58
C ASP D 77 9.01 3.62 20.67
N GLY D 78 8.11 3.68 21.64
CA GLY D 78 7.28 4.86 21.83
C GLY D 78 6.00 4.86 21.04
N ASN D 79 5.63 3.72 20.46
CA ASN D 79 4.41 3.63 19.67
C ASN D 79 3.24 2.93 20.35
N ILE D 80 2.04 3.35 19.95
CA ILE D 80 0.82 2.74 20.44
C ILE D 80 0.40 1.85 19.28
N TYR D 81 0.07 0.59 19.58
CA TYR D 81 -0.35 -0.33 18.53
C TYR D 81 -1.80 -0.73 18.79
N GLU D 82 -2.58 -0.83 17.73
CA GLU D 82 -3.97 -1.22 17.89
C GLU D 82 -4.11 -2.73 18.12
N GLY D 83 -4.93 -3.09 19.11
CA GLY D 83 -5.18 -4.48 19.41
C GLY D 83 -6.60 -4.72 18.94
N ARG D 84 -7.53 -4.88 19.88
CA ARG D 84 -8.92 -5.07 19.50
C ARG D 84 -9.55 -3.70 19.22
N GLY D 85 -8.90 -2.65 19.72
CA GLY D 85 -9.42 -1.31 19.49
C GLY D 85 -10.27 -0.72 20.59
N TRP D 86 -10.73 0.52 20.38
CA TRP D 86 -11.53 1.26 21.35
C TRP D 86 -12.91 0.70 21.63
N LYS D 87 -13.52 0.03 20.65
CA LYS D 87 -14.89 -0.43 20.84
C LYS D 87 -15.16 -1.93 21.01
N THR D 88 -14.12 -2.72 21.23
CA THR D 88 -14.32 -4.15 21.36
C THR D 88 -13.88 -4.74 22.69
N VAL D 89 -14.71 -5.63 23.24
CA VAL D 89 -14.42 -6.29 24.50
C VAL D 89 -13.18 -7.16 24.35
N GLY D 90 -12.25 -7.03 25.29
CA GLY D 90 -11.02 -7.80 25.22
C GLY D 90 -11.04 -9.09 26.01
N ALA D 91 -9.88 -9.72 26.13
CA ALA D 91 -9.73 -10.98 26.87
C ALA D 91 -8.42 -10.90 27.66
N HIS D 92 -8.22 -9.78 28.36
CA HIS D 92 -7.00 -9.54 29.10
C HIS D 92 -7.09 -9.65 30.62
N THR D 93 -8.22 -9.25 31.19
CA THR D 93 -8.40 -9.28 32.64
C THR D 93 -9.72 -9.92 33.04
N LEU D 94 -9.65 -11.17 33.46
CA LEU D 94 -10.81 -11.93 33.87
C LEU D 94 -11.62 -11.13 34.89
N GLY D 95 -12.87 -10.84 34.55
CA GLY D 95 -13.72 -10.07 35.46
C GLY D 95 -13.86 -8.60 35.10
N TYR D 96 -12.96 -8.06 34.28
CA TYR D 96 -13.04 -6.65 33.91
C TYR D 96 -13.14 -6.37 32.40
N ASN D 97 -13.07 -7.41 31.58
CA ASN D 97 -13.11 -7.21 30.14
C ASN D 97 -14.29 -6.40 29.61
N ARG D 98 -15.43 -6.46 30.27
CA ARG D 98 -16.61 -5.74 29.80
C ARG D 98 -16.76 -4.32 30.29
N ILE D 99 -15.93 -3.90 31.24
CA ILE D 99 -16.04 -2.55 31.78
C ILE D 99 -14.72 -1.80 31.72
N SER D 100 -13.84 -2.21 30.81
CA SER D 100 -12.54 -1.57 30.70
C SER D 100 -11.88 -1.76 29.35
N LEU D 101 -10.75 -1.09 29.21
CA LEU D 101 -9.90 -1.18 28.03
C LEU D 101 -8.58 -1.69 28.57
N GLY D 102 -8.04 -2.72 27.92
CA GLY D 102 -6.77 -3.27 28.35
C GLY D 102 -5.60 -2.75 27.54
N ILE D 103 -4.68 -2.06 28.22
CA ILE D 103 -3.49 -1.52 27.59
C ILE D 103 -2.28 -2.28 28.12
N SER D 104 -1.54 -2.92 27.24
CA SER D 104 -0.39 -3.69 27.66
C SER D 104 0.94 -3.23 27.09
N PHE D 105 1.94 -3.05 27.97
CA PHE D 105 3.26 -2.65 27.52
C PHE D 105 4.00 -3.90 27.05
N ILE D 106 4.64 -3.81 25.89
CA ILE D 106 5.35 -4.95 25.34
C ILE D 106 6.69 -5.12 26.03
N GLY D 107 6.79 -6.15 26.85
CA GLY D 107 8.02 -6.42 27.57
C GLY D 107 7.68 -7.09 28.88
N CYS D 108 8.66 -7.19 29.77
CA CYS D 108 8.46 -7.80 31.08
C CYS D 108 9.08 -6.82 32.06
N PHE D 109 8.24 -6.08 32.77
CA PHE D 109 8.74 -5.06 33.66
C PHE D 109 8.70 -5.33 35.16
N MET D 110 9.20 -6.51 35.56
CA MET D 110 9.23 -6.89 36.96
C MET D 110 10.32 -6.11 37.70
N LYS D 111 11.39 -5.76 36.99
CA LYS D 111 12.51 -5.03 37.59
C LYS D 111 12.78 -3.72 36.89
N GLU D 112 12.75 -3.74 35.56
CA GLU D 112 13.02 -2.56 34.76
C GLU D 112 11.70 -1.85 34.47
N LEU D 113 11.80 -0.63 33.96
CA LEU D 113 10.62 0.17 33.64
C LEU D 113 10.58 0.42 32.13
N PRO D 114 9.39 0.63 31.56
CA PRO D 114 9.34 0.89 30.10
C PRO D 114 10.08 2.21 29.83
N THR D 115 10.42 2.49 28.57
CA THR D 115 11.11 3.73 28.27
C THR D 115 10.19 4.90 28.60
N ALA D 116 10.77 6.07 28.81
CA ALA D 116 9.98 7.25 29.13
C ALA D 116 8.97 7.55 28.03
N ASP D 117 9.38 7.39 26.78
CA ASP D 117 8.48 7.65 25.67
C ASP D 117 7.27 6.72 25.72
N ALA D 118 7.50 5.44 26.01
CA ALA D 118 6.41 4.49 26.09
C ALA D 118 5.42 4.91 27.19
N LEU D 119 5.95 5.33 28.33
CA LEU D 119 5.11 5.76 29.44
C LEU D 119 4.35 7.04 29.11
N ASN D 120 5.01 7.95 28.41
CA ASN D 120 4.36 9.20 28.02
C ASN D 120 3.28 8.96 26.96
N MET D 121 3.57 8.12 25.98
CA MET D 121 2.59 7.81 24.94
C MET D 121 1.36 7.15 25.53
N CYS D 122 1.57 6.35 26.57
CA CYS D 122 0.46 5.67 27.22
C CYS D 122 -0.45 6.69 27.86
N ARG D 123 0.15 7.67 28.55
CA ARG D 123 -0.60 8.74 29.19
C ARG D 123 -1.35 9.53 28.13
N ASN D 124 -0.69 9.81 27.01
CA ASN D 124 -1.33 10.55 25.93
C ASN D 124 -2.54 9.77 25.44
N LEU D 125 -2.39 8.44 25.35
CA LEU D 125 -3.48 7.60 24.88
C LEU D 125 -4.68 7.69 25.80
N LEU D 126 -4.43 7.74 27.09
CA LEU D 126 -5.52 7.83 28.06
C LEU D 126 -6.25 9.15 27.86
N ALA D 127 -5.49 10.25 27.79
CA ALA D 127 -6.07 11.57 27.59
C ALA D 127 -6.89 11.59 26.29
N ARG D 128 -6.32 11.02 25.23
CA ARG D 128 -7.01 10.97 23.95
C ARG D 128 -8.31 10.20 24.08
N GLY D 129 -8.28 9.13 24.87
CA GLY D 129 -9.48 8.32 25.05
C GLY D 129 -10.57 9.08 25.77
N VAL D 130 -10.18 9.98 26.67
CA VAL D 130 -11.14 10.79 27.41
C VAL D 130 -11.72 11.86 26.50
N GLU D 131 -10.84 12.52 25.75
CA GLU D 131 -11.25 13.57 24.81
C GLU D 131 -12.30 13.09 23.83
N ASP D 132 -12.11 11.89 23.32
CA ASP D 132 -13.03 11.32 22.33
C ASP D 132 -14.25 10.61 22.91
N GLY D 133 -14.36 10.57 24.23
CA GLY D 133 -15.50 9.94 24.86
C GLY D 133 -15.46 8.42 24.93
N HIS D 134 -14.27 7.85 24.79
CA HIS D 134 -14.12 6.40 24.86
C HIS D 134 -13.87 5.99 26.30
N ILE D 135 -13.18 6.87 27.03
CA ILE D 135 -12.85 6.63 28.42
C ILE D 135 -13.56 7.66 29.29
N SER D 136 -14.18 7.17 30.36
CA SER D 136 -14.90 8.02 31.30
C SER D 136 -14.02 9.12 31.90
N THR D 137 -14.61 10.28 32.14
CA THR D 137 -13.89 11.42 32.72
C THR D 137 -13.32 11.07 34.09
N ASP D 138 -14.08 10.27 34.83
CA ASP D 138 -13.67 9.85 36.18
C ASP D 138 -13.26 8.38 36.16
N TYR D 139 -12.58 7.98 35.09
CA TYR D 139 -12.15 6.60 34.96
C TYR D 139 -11.18 6.17 36.06
N ARG D 140 -11.19 4.87 36.34
CA ARG D 140 -10.31 4.30 37.35
C ARG D 140 -9.18 3.53 36.67
N LEU D 141 -7.95 3.95 36.94
CA LEU D 141 -6.77 3.32 36.38
C LEU D 141 -6.28 2.22 37.33
N ILE D 142 -6.25 0.98 36.86
CA ILE D 142 -5.80 -0.12 37.69
C ILE D 142 -4.82 -1.02 36.94
N CYS D 143 -4.10 -1.84 37.69
CA CYS D 143 -3.14 -2.77 37.13
C CYS D 143 -3.67 -4.19 37.16
N HIS D 144 -3.16 -5.01 36.24
CA HIS D 144 -3.57 -6.39 36.12
C HIS D 144 -3.53 -7.13 37.46
N CYS D 145 -2.40 -7.00 38.16
CA CYS D 145 -2.17 -7.65 39.46
C CYS D 145 -3.15 -7.32 40.57
N GLN D 146 -3.99 -6.32 40.36
CA GLN D 146 -4.97 -5.91 41.35
C GLN D 146 -6.30 -6.61 41.13
N CYS D 147 -6.44 -7.28 39.99
CA CYS D 147 -7.69 -7.96 39.68
C CYS D 147 -7.56 -9.46 39.72
N ASN D 148 -6.39 -9.95 39.35
CA ASN D 148 -6.13 -11.38 39.32
C ASN D 148 -4.75 -11.64 39.90
N SER D 149 -4.47 -12.91 40.20
CA SER D 149 -3.17 -13.28 40.74
C SER D 149 -2.21 -13.42 39.57
N THR D 150 -1.26 -12.50 39.49
CA THR D 150 -0.28 -12.49 38.42
C THR D 150 0.74 -11.40 38.69
N GLU D 151 1.93 -11.54 38.10
CA GLU D 151 2.97 -10.54 38.27
C GLU D 151 2.62 -9.32 37.42
N SER D 152 2.01 -9.58 36.27
CA SER D 152 1.60 -8.53 35.34
C SER D 152 0.98 -7.35 36.10
N PRO D 153 1.29 -6.11 35.70
CA PRO D 153 2.16 -5.69 34.60
C PRO D 153 3.63 -5.56 34.97
N GLY D 154 4.09 -6.30 35.97
CA GLY D 154 5.47 -6.18 36.37
C GLY D 154 5.57 -5.32 37.61
N ARG D 155 6.26 -5.83 38.63
CA ARG D 155 6.43 -5.13 39.89
C ARG D 155 6.88 -3.68 39.77
N ARG D 156 7.97 -3.44 39.03
CA ARG D 156 8.49 -2.09 38.88
C ARG D 156 7.52 -1.15 38.16
N LEU D 157 6.79 -1.67 37.17
CA LEU D 157 5.83 -0.86 36.43
C LEU D 157 4.60 -0.57 37.28
N TYR D 158 4.21 -1.54 38.10
CA TYR D 158 3.07 -1.39 38.99
C TYR D 158 3.30 -0.21 39.93
N GLU D 159 4.50 -0.12 40.47
CA GLU D 159 4.85 0.95 41.40
C GLU D 159 4.80 2.30 40.70
N GLU D 160 5.17 2.31 39.43
CA GLU D 160 5.17 3.52 38.63
C GLU D 160 3.74 3.99 38.40
N ILE D 161 2.88 3.07 38.01
CA ILE D 161 1.50 3.40 37.72
C ILE D 161 0.67 3.88 38.89
N GLN D 162 0.92 3.38 40.09
CA GLN D 162 0.13 3.85 41.21
C GLN D 162 0.42 5.31 41.59
N THR D 163 1.34 5.94 40.87
CA THR D 163 1.67 7.34 41.11
C THR D 163 0.98 8.21 40.06
N TRP D 164 0.37 7.55 39.08
CA TRP D 164 -0.33 8.24 38.01
C TRP D 164 -1.70 8.71 38.48
N PRO D 165 -2.19 9.83 37.92
CA PRO D 165 -3.50 10.31 38.34
C PRO D 165 -4.54 9.28 37.92
N HIS D 166 -5.67 9.23 38.64
CA HIS D 166 -6.74 8.28 38.34
C HIS D 166 -6.49 6.89 38.90
N PHE D 167 -5.28 6.63 39.39
CA PHE D 167 -5.00 5.32 39.95
C PHE D 167 -6.03 4.99 41.02
N TYR D 168 -6.61 3.79 40.92
CA TYR D 168 -7.63 3.36 41.86
C TYR D 168 -7.15 2.14 42.63
N ASN D 169 -7.02 2.29 43.94
CA ASN D 169 -6.59 1.19 44.80
C ASN D 169 -7.85 0.39 45.10
N ILE D 170 -7.93 -0.83 44.59
CA ILE D 170 -9.10 -1.66 44.80
C ILE D 170 -9.18 -2.19 46.24
N GLU D 171 -8.05 -2.22 46.92
CA GLU D 171 -8.02 -2.71 48.30
C GLU D 171 -8.48 -1.70 49.34
N GLU D 172 -7.87 -0.52 49.39
CA GLU D 172 -8.29 0.48 50.37
C GLU D 172 -9.71 0.96 50.12
N GLU D 173 -10.12 0.97 48.86
CA GLU D 173 -11.48 1.38 48.51
C GLU D 173 -12.39 0.16 48.48
N GLU D 174 -12.12 -0.77 47.69
#